data_9BCC
#
_entry.id   9BCC
#
_cell.length_a   44.565
_cell.length_b   88.292
_cell.length_c   89.265
_cell.angle_alpha   90.00
_cell.angle_beta   104.32
_cell.angle_gamma   90.00
#
_symmetry.space_group_name_H-M   'P 1 21 1'
#
loop_
_entity.id
_entity.type
_entity.pdbx_description
1 polymer 'Kelch domain-containing protein 2'
2 non-polymer N-({2-[8-(2-methoxyethoxy)naphthalen-2-yl]-1,3-thiazol-4-yl}acetyl)glycine
3 non-polymer 'COBALT HEXAMMINE(III)'
4 water water
#
_entity_poly.entity_id   1
_entity_poly.type   'polypeptide(L)'
_entity_poly.pdbx_seq_one_letter_code
;GSGPAFESYESMELACPAERSGHVAVSDGRHMFVWGGYKSNQVRGLYDFYLPREELWIYNMETGRWKKINTEGDVPPSMS
GSCAVCVDRVLYLFGGHHSRGNTNKFYMLDSRSTDRVLQWERIDCQGIPPSSKDKLGVWVYKNKLIFFGGYGYLPEDKVL
GTFEFDETSFWNSSHPRGWNDHVHILDTETFTWSQPITTGKAPSPRAAHACATVGNRGFVFGGRYRDARMNDLHYLNLDT
WEWNELIPQGICPVGRSWHSLTPVSSDHLFLFGGFTTDKQPLSDAWTYCISKNEWIQFNHPYTEKPRLWHTACASDEGEV
IVFGGCANNLLVHHRAAHSNEILIFSVQP
;
_entity_poly.pdbx_strand_id   A,B
#
# COMPACT_ATOMS: atom_id res chain seq x y z
N LEU A 14 -28.37 6.77 8.24
CA LEU A 14 -28.18 6.96 6.80
C LEU A 14 -26.77 7.48 6.48
N ALA A 15 -25.82 6.56 6.44
CA ALA A 15 -24.44 6.91 6.11
C ALA A 15 -24.32 7.31 4.65
N CYS A 16 -23.31 8.14 4.35
CA CYS A 16 -23.16 8.72 3.03
C CYS A 16 -21.68 8.89 2.71
N PRO A 17 -21.26 8.52 1.49
CA PRO A 17 -19.83 8.59 1.15
C PRO A 17 -19.34 10.01 0.92
N ALA A 18 -18.05 10.19 1.19
CA ALA A 18 -17.40 11.48 0.97
C ALA A 18 -17.31 11.80 -0.52
N GLU A 19 -17.24 13.08 -0.82
CA GLU A 19 -17.08 13.56 -2.20
C GLU A 19 -15.77 13.06 -2.79
N ARG A 20 -15.72 12.97 -4.11
CA ARG A 20 -14.57 12.41 -4.79
C ARG A 20 -14.71 12.59 -6.29
N SER A 21 -13.57 12.62 -6.97
CA SER A 21 -13.47 12.49 -8.42
C SER A 21 -12.47 11.40 -8.73
N GLY A 22 -12.47 10.91 -9.98
CA GLY A 22 -11.51 9.88 -10.34
C GLY A 22 -11.74 8.54 -9.70
N HIS A 23 -12.88 8.32 -9.07
CA HIS A 23 -13.25 7.02 -8.54
C HIS A 23 -13.67 6.07 -9.66
N VAL A 24 -14.00 4.83 -9.28
CA VAL A 24 -14.64 3.90 -10.19
C VAL A 24 -16.02 3.58 -9.65
N ALA A 25 -16.91 3.22 -10.57
CA ALA A 25 -18.27 2.81 -10.22
C ALA A 25 -18.70 1.76 -11.23
N VAL A 26 -19.10 0.59 -10.73
CA VAL A 26 -19.58 -0.48 -11.59
C VAL A 26 -20.89 -0.97 -10.99
N SER A 27 -21.71 -1.60 -11.84
CA SER A 27 -23.08 -1.92 -11.47
C SER A 27 -23.50 -3.24 -12.10
N ASP A 28 -24.44 -3.91 -11.44
CA ASP A 28 -25.10 -5.10 -11.97
C ASP A 28 -26.49 -4.79 -12.51
N GLY A 29 -26.84 -3.51 -12.63
CA GLY A 29 -28.17 -3.08 -13.00
C GLY A 29 -29.04 -2.70 -11.83
N ARG A 30 -28.69 -3.13 -10.62
CA ARG A 30 -29.48 -2.87 -9.43
C ARG A 30 -28.65 -2.27 -8.30
N HIS A 31 -27.42 -2.74 -8.13
CA HIS A 31 -26.51 -2.20 -7.14
C HIS A 31 -25.30 -1.63 -7.83
N MET A 32 -24.79 -0.52 -7.30
CA MET A 32 -23.70 0.24 -7.89
C MET A 32 -22.57 0.28 -6.86
N PHE A 33 -21.41 -0.24 -7.24
CA PHE A 33 -20.25 -0.35 -6.34
C PHE A 33 -19.30 0.79 -6.64
N VAL A 34 -18.87 1.50 -5.60
CA VAL A 34 -18.06 2.70 -5.76
C VAL A 34 -16.78 2.54 -4.94
N TRP A 35 -15.63 2.77 -5.58
CA TRP A 35 -14.33 2.59 -4.94
C TRP A 35 -13.37 3.70 -5.35
N GLY A 36 -12.50 4.08 -4.41
CA GLY A 36 -11.34 4.91 -4.73
C GLY A 36 -11.66 6.37 -5.02
N GLY A 37 -10.76 7.01 -5.79
CA GLY A 37 -10.87 8.43 -6.09
C GLY A 37 -10.07 9.28 -5.13
N TYR A 38 -10.14 10.58 -5.35
CA TYR A 38 -9.44 11.55 -4.50
C TYR A 38 -10.37 12.73 -4.26
N LYS A 39 -10.00 13.60 -3.31
CA LYS A 39 -10.72 14.84 -3.11
C LYS A 39 -9.72 15.93 -2.72
N SER A 40 -10.24 17.10 -2.35
CA SER A 40 -9.40 18.20 -1.88
C SER A 40 -9.78 18.51 -0.44
N ASN A 41 -9.25 19.62 0.08
CA ASN A 41 -9.59 20.12 1.42
C ASN A 41 -9.12 19.19 2.54
N PHE A 49 -5.74 14.34 -1.25
CA PHE A 49 -5.63 13.07 -0.57
C PHE A 49 -6.68 12.08 -1.13
N TYR A 50 -6.30 10.82 -1.10
CA TYR A 50 -7.12 9.77 -1.66
C TYR A 50 -8.19 9.32 -0.67
N LEU A 51 -9.33 8.89 -1.20
CA LEU A 51 -10.35 8.27 -0.39
C LEU A 51 -9.86 6.91 0.08
N PRO A 52 -10.34 6.45 1.25
CA PRO A 52 -9.72 5.26 1.88
C PRO A 52 -9.84 4.01 1.01
N ARG A 53 -8.73 3.28 0.93
CA ARG A 53 -8.61 2.16 -0.01
C ARG A 53 -9.49 0.97 0.38
N GLU A 54 -9.71 0.74 1.68
CA GLU A 54 -10.40 -0.47 2.09
C GLU A 54 -11.92 -0.35 1.96
N GLU A 55 -12.44 0.86 1.78
CA GLU A 55 -13.88 1.02 1.76
C GLU A 55 -14.43 0.64 0.39
N LEU A 56 -15.58 -0.03 0.38
CA LEU A 56 -16.37 -0.23 -0.83
C LEU A 56 -17.77 0.30 -0.54
N TRP A 57 -18.22 1.28 -1.31
CA TRP A 57 -19.54 1.86 -1.12
C TRP A 57 -20.53 1.21 -2.07
N ILE A 58 -21.68 0.79 -1.55
CA ILE A 58 -22.73 0.17 -2.35
C ILE A 58 -23.97 1.04 -2.32
N TYR A 59 -24.39 1.51 -3.49
CA TYR A 59 -25.59 2.32 -3.65
C TYR A 59 -26.70 1.47 -4.25
N ASN A 60 -27.84 1.42 -3.58
CA ASN A 60 -28.99 0.67 -4.07
C ASN A 60 -29.77 1.58 -5.02
N MET A 61 -29.77 1.22 -6.31
CA MET A 61 -30.49 2.04 -7.29
C MET A 61 -31.99 2.09 -7.03
N GLU A 62 -32.53 1.12 -6.31
CA GLU A 62 -33.96 1.13 -5.98
C GLU A 62 -34.25 1.96 -4.74
N THR A 63 -33.66 1.58 -3.60
CA THR A 63 -33.93 2.26 -2.35
C THR A 63 -33.17 3.57 -2.19
N GLY A 64 -32.27 3.88 -3.12
CA GLY A 64 -31.48 5.10 -2.99
C GLY A 64 -30.63 5.18 -1.74
N ARG A 65 -30.38 4.04 -1.10
CA ARG A 65 -29.63 4.00 0.14
C ARG A 65 -28.20 3.52 -0.11
N TRP A 66 -27.26 4.13 0.61
CA TRP A 66 -25.87 3.73 0.59
C TRP A 66 -25.56 2.75 1.71
N LYS A 67 -24.52 1.95 1.51
CA LYS A 67 -23.98 1.08 2.53
C LYS A 67 -22.47 0.98 2.32
N LYS A 68 -21.72 1.12 3.40
CA LYS A 68 -20.27 1.03 3.36
C LYS A 68 -19.83 -0.30 3.96
N ILE A 69 -18.97 -1.02 3.25
CA ILE A 69 -18.34 -2.20 3.83
C ILE A 69 -16.83 -2.08 3.66
N ASN A 70 -16.12 -2.73 4.56
CA ASN A 70 -14.67 -2.77 4.53
C ASN A 70 -14.23 -4.05 3.83
N THR A 71 -13.30 -3.92 2.91
CA THR A 71 -12.75 -5.07 2.21
C THR A 71 -11.41 -5.45 2.80
N GLU A 72 -11.02 -6.70 2.57
CA GLU A 72 -9.73 -7.21 3.03
C GLU A 72 -8.99 -7.87 1.87
N GLY A 73 -7.92 -8.58 2.16
CA GLY A 73 -7.20 -9.29 1.11
C GLY A 73 -6.13 -8.42 0.46
N ASP A 74 -5.92 -8.57 -0.86
CA ASP A 74 -4.96 -7.75 -1.58
C ASP A 74 -5.59 -6.40 -1.95
N VAL A 75 -5.88 -5.61 -0.91
CA VAL A 75 -6.57 -4.33 -1.16
C VAL A 75 -5.72 -3.47 -2.08
N PRO A 76 -6.26 -2.93 -3.17
CA PRO A 76 -5.45 -2.09 -4.05
C PRO A 76 -5.04 -0.82 -3.35
N PRO A 77 -3.94 -0.18 -3.77
CA PRO A 77 -3.60 1.14 -3.25
C PRO A 77 -4.72 2.14 -3.53
N SER A 78 -4.80 3.17 -2.68
CA SER A 78 -5.70 4.29 -2.98
C SER A 78 -5.32 4.91 -4.32
N MET A 79 -6.31 5.07 -5.22
CA MET A 79 -6.01 5.48 -6.58
C MET A 79 -7.08 6.38 -7.19
N SER A 80 -6.62 7.24 -8.07
CA SER A 80 -7.53 7.90 -9.01
C SER A 80 -7.29 7.32 -10.40
N GLY A 81 -8.31 7.39 -11.23
CA GLY A 81 -8.14 7.04 -12.63
C GLY A 81 -8.12 5.56 -12.94
N SER A 82 -8.46 4.70 -11.97
CA SER A 82 -8.48 3.28 -12.24
C SER A 82 -9.63 2.95 -13.18
N CYS A 83 -9.56 1.77 -13.81
CA CYS A 83 -10.53 1.30 -14.79
C CYS A 83 -11.15 0.01 -14.26
N ALA A 84 -12.48 0.00 -14.08
CA ALA A 84 -13.13 -1.16 -13.48
C ALA A 84 -14.35 -1.59 -14.29
N VAL A 85 -14.68 -2.88 -14.16
CA VAL A 85 -15.85 -3.51 -14.74
C VAL A 85 -16.52 -4.39 -13.70
N CYS A 86 -17.80 -4.70 -13.93
CA CYS A 86 -18.49 -5.74 -13.18
C CYS A 86 -19.04 -6.76 -14.18
N VAL A 87 -18.63 -8.03 -14.06
CA VAL A 87 -19.16 -9.11 -14.88
C VAL A 87 -19.66 -10.18 -13.93
N ASP A 88 -20.97 -10.46 -13.96
CA ASP A 88 -21.57 -11.50 -13.10
C ASP A 88 -21.18 -11.29 -11.64
N ARG A 89 -21.24 -10.03 -11.20
CA ARG A 89 -20.94 -9.61 -9.82
C ARG A 89 -19.52 -9.98 -9.38
N VAL A 90 -18.61 -10.13 -10.34
CA VAL A 90 -17.18 -10.14 -10.06
C VAL A 90 -16.63 -8.81 -10.54
N LEU A 91 -15.96 -8.08 -9.66
CA LEU A 91 -15.41 -6.78 -10.01
C LEU A 91 -13.96 -6.95 -10.42
N TYR A 92 -13.56 -6.31 -11.52
CA TYR A 92 -12.18 -6.34 -11.95
C TYR A 92 -11.69 -4.90 -12.05
N LEU A 93 -10.46 -4.66 -11.61
CA LEU A 93 -9.87 -3.33 -11.53
C LEU A 93 -8.50 -3.35 -12.19
N PHE A 94 -8.27 -2.44 -13.12
CA PHE A 94 -6.97 -2.29 -13.77
C PHE A 94 -6.45 -0.86 -13.66
N GLY A 95 -5.13 -0.72 -13.46
CA GLY A 95 -4.48 0.58 -13.62
C GLY A 95 -4.86 1.57 -12.53
N GLY A 96 -4.51 2.83 -12.79
CA GLY A 96 -4.76 3.92 -11.85
C GLY A 96 -3.48 4.64 -11.46
N HIS A 97 -3.65 5.66 -10.64
CA HIS A 97 -2.56 6.47 -10.10
C HIS A 97 -2.64 6.48 -8.58
N HIS A 98 -1.60 5.98 -7.90
CA HIS A 98 -1.50 6.02 -6.45
C HIS A 98 -0.38 6.98 -6.04
N SER A 99 -0.08 7.03 -4.75
CA SER A 99 0.83 8.04 -4.21
C SER A 99 2.22 7.97 -4.84
N ARG A 100 2.66 6.78 -5.27
CA ARG A 100 3.95 6.64 -5.91
C ARG A 100 3.86 6.41 -7.42
N GLY A 101 2.70 6.69 -8.03
CA GLY A 101 2.69 6.74 -9.48
C GLY A 101 1.63 5.84 -10.08
N ASN A 102 1.76 5.62 -11.40
CA ASN A 102 0.81 4.77 -12.12
C ASN A 102 1.15 3.29 -11.94
N THR A 103 0.14 2.45 -12.20
CA THR A 103 0.29 1.01 -12.05
C THR A 103 -0.34 0.30 -13.25
N ASN A 104 0.07 -0.95 -13.44
CA ASN A 104 -0.59 -1.84 -14.40
C ASN A 104 -1.03 -3.13 -13.73
N LYS A 105 -1.17 -3.13 -12.40
CA LYS A 105 -1.65 -4.31 -11.69
C LYS A 105 -3.14 -4.51 -11.91
N PHE A 106 -3.57 -5.77 -11.78
CA PHE A 106 -4.93 -6.20 -12.06
C PHE A 106 -5.50 -6.86 -10.83
N TYR A 107 -6.68 -6.42 -10.39
CA TYR A 107 -7.33 -6.99 -9.21
C TYR A 107 -8.70 -7.54 -9.53
N MET A 108 -9.15 -8.46 -8.67
CA MET A 108 -10.50 -9.01 -8.76
C MET A 108 -11.14 -8.96 -7.39
N LEU A 109 -12.43 -8.62 -7.33
CA LEU A 109 -13.19 -8.72 -6.09
C LEU A 109 -14.51 -9.42 -6.38
N ASP A 110 -14.71 -10.59 -5.77
CA ASP A 110 -15.93 -11.36 -5.94
C ASP A 110 -16.97 -10.85 -4.94
N SER A 111 -18.01 -10.19 -5.44
CA SER A 111 -19.06 -9.65 -4.58
C SER A 111 -20.28 -10.56 -4.51
N ARG A 112 -20.19 -11.79 -5.03
CA ARG A 112 -21.37 -12.64 -5.09
C ARG A 112 -21.78 -13.12 -3.70
N SER A 113 -20.82 -13.53 -2.88
CA SER A 113 -21.12 -14.02 -1.54
C SER A 113 -21.80 -12.97 -0.68
N VAL A 117 -16.91 -11.24 4.56
CA VAL A 117 -16.29 -9.97 4.21
C VAL A 117 -15.54 -10.13 2.90
N LEU A 118 -15.72 -9.15 2.03
CA LEU A 118 -15.21 -9.21 0.66
C LEU A 118 -13.69 -9.13 0.64
N GLN A 119 -13.08 -9.95 -0.22
CA GLN A 119 -11.64 -10.10 -0.33
C GLN A 119 -11.19 -9.72 -1.73
N TRP A 120 -10.24 -8.80 -1.82
CA TRP A 120 -9.57 -8.50 -3.08
C TRP A 120 -8.53 -9.57 -3.39
N GLU A 121 -8.38 -9.89 -4.67
CA GLU A 121 -7.30 -10.76 -5.12
C GLU A 121 -6.52 -10.04 -6.21
N ARG A 122 -5.22 -9.84 -6.00
CA ARG A 122 -4.34 -9.37 -7.06
C ARG A 122 -3.96 -10.56 -7.94
N ILE A 123 -4.12 -10.41 -9.26
CA ILE A 123 -3.98 -11.52 -10.17
C ILE A 123 -2.59 -11.50 -10.80
N ASP A 124 -1.87 -12.60 -10.68
CA ASP A 124 -0.59 -12.81 -11.36
C ASP A 124 -0.91 -13.13 -12.81
N CYS A 125 -1.08 -12.09 -13.63
CA CYS A 125 -1.50 -12.31 -15.00
C CYS A 125 -0.35 -12.88 -15.83
N GLN A 126 -0.71 -13.73 -16.79
CA GLN A 126 0.24 -14.18 -17.78
C GLN A 126 0.28 -13.18 -18.94
N GLY A 127 1.37 -13.23 -19.70
CA GLY A 127 1.51 -12.38 -20.87
C GLY A 127 2.05 -11.01 -20.52
N ILE A 128 2.18 -10.17 -21.56
CA ILE A 128 2.77 -8.85 -21.43
C ILE A 128 1.65 -7.88 -21.00
N PRO A 129 1.69 -7.32 -19.81
CA PRO A 129 0.61 -6.40 -19.39
C PRO A 129 0.70 -5.09 -20.13
N PRO A 130 -0.36 -4.27 -20.09
CA PRO A 130 -0.23 -2.91 -20.64
C PRO A 130 0.77 -2.11 -19.81
N SER A 131 1.19 -0.98 -20.38
CA SER A 131 2.02 -0.06 -19.62
C SER A 131 1.22 0.52 -18.45
N SER A 132 1.94 0.97 -17.42
CA SER A 132 1.28 1.52 -16.23
C SER A 132 0.61 2.84 -16.57
N LYS A 133 -0.68 2.97 -16.26
CA LYS A 133 -1.46 4.07 -16.81
C LYS A 133 -2.79 4.24 -16.08
N ASP A 134 -3.44 5.37 -16.34
CA ASP A 134 -4.75 5.64 -15.75
C ASP A 134 -5.63 6.32 -16.79
N LYS A 135 -6.84 6.68 -16.40
CA LYS A 135 -7.76 7.46 -17.25
C LYS A 135 -7.92 6.83 -18.64
N LEU A 136 -8.39 5.60 -18.65
CA LEU A 136 -8.53 4.81 -19.87
C LEU A 136 -9.98 4.33 -19.93
N GLY A 137 -10.24 3.33 -20.78
CA GLY A 137 -11.58 2.76 -20.81
C GLY A 137 -11.51 1.28 -21.12
N VAL A 138 -12.65 0.62 -20.99
CA VAL A 138 -12.71 -0.83 -21.19
C VAL A 138 -14.03 -1.20 -21.85
N TRP A 139 -13.97 -2.21 -22.70
CA TRP A 139 -15.15 -2.90 -23.22
C TRP A 139 -15.15 -4.34 -22.70
N VAL A 140 -16.35 -4.87 -22.48
CA VAL A 140 -16.54 -6.25 -22.05
C VAL A 140 -17.21 -7.01 -23.20
N TYR A 141 -16.59 -8.12 -23.61
CA TYR A 141 -17.18 -8.92 -24.68
C TYR A 141 -16.83 -10.37 -24.39
N LYS A 142 -17.84 -11.12 -23.94
CA LYS A 142 -17.72 -12.55 -23.62
C LYS A 142 -16.64 -12.70 -22.56
N ASN A 143 -15.62 -13.52 -22.77
CA ASN A 143 -14.59 -13.75 -21.77
C ASN A 143 -13.53 -12.65 -21.74
N LYS A 144 -13.61 -11.65 -22.62
CA LYS A 144 -12.53 -10.70 -22.79
C LYS A 144 -12.85 -9.39 -22.10
N LEU A 145 -11.87 -8.88 -21.35
CA LEU A 145 -11.82 -7.47 -20.98
C LEU A 145 -10.85 -6.79 -21.95
N ILE A 146 -11.35 -5.79 -22.66
CA ILE A 146 -10.57 -5.11 -23.70
C ILE A 146 -10.35 -3.65 -23.27
N PHE A 147 -9.09 -3.30 -23.02
CA PHE A 147 -8.71 -1.99 -22.52
C PHE A 147 -8.14 -1.11 -23.63
N PHE A 148 -8.50 0.16 -23.61
CA PHE A 148 -8.04 1.06 -24.66
C PHE A 148 -7.54 2.39 -24.10
N GLY A 149 -6.33 2.79 -24.51
CA GLY A 149 -5.85 4.16 -24.35
C GLY A 149 -5.34 4.46 -22.94
N GLY A 150 -5.26 5.74 -22.62
CA GLY A 150 -4.94 6.18 -21.26
C GLY A 150 -3.67 7.01 -21.19
N TYR A 151 -3.26 7.29 -19.95
CA TYR A 151 -2.14 8.20 -19.65
C TYR A 151 -1.18 7.53 -18.69
N GLY A 152 0.12 7.56 -19.00
CA GLY A 152 1.09 6.98 -18.10
C GLY A 152 2.50 6.99 -18.64
N TYR A 153 3.33 6.09 -18.11
CA TYR A 153 4.75 6.06 -18.45
C TYR A 153 4.99 5.50 -19.84
N LEU A 154 6.20 5.75 -20.33
CA LEU A 154 6.63 5.10 -21.56
C LEU A 154 6.55 3.58 -21.39
N PRO A 155 6.01 2.88 -22.38
CA PRO A 155 5.90 1.42 -22.27
C PRO A 155 7.27 0.76 -22.15
N GLU A 156 7.30 -0.40 -21.49
CA GLU A 156 8.53 -1.16 -21.31
C GLU A 156 8.95 -1.90 -22.58
N ASP A 157 8.21 -1.76 -23.68
CA ASP A 157 8.57 -2.42 -24.92
C ASP A 157 7.90 -1.67 -26.07
N LYS A 158 8.48 -1.85 -27.27
CA LYS A 158 7.83 -1.43 -28.51
C LYS A 158 6.75 -2.47 -28.81
N VAL A 159 5.54 -2.21 -28.29
CA VAL A 159 4.43 -3.13 -28.41
C VAL A 159 3.42 -2.51 -29.37
N LEU A 160 2.32 -3.20 -29.63
CA LEU A 160 1.43 -2.78 -30.71
C LEU A 160 0.68 -1.50 -30.32
N GLY A 161 0.85 -0.46 -31.13
CA GLY A 161 0.20 0.82 -30.92
C GLY A 161 1.21 1.94 -30.86
N THR A 162 0.73 3.13 -30.52
CA THR A 162 1.61 4.28 -30.42
C THR A 162 1.44 4.97 -29.07
N PHE A 163 2.48 5.73 -28.72
CA PHE A 163 2.57 6.47 -27.48
C PHE A 163 3.12 7.86 -27.80
N GLU A 164 2.54 8.88 -27.18
CA GLU A 164 2.92 10.27 -27.46
C GLU A 164 3.12 10.98 -26.12
N PHE A 165 4.33 11.50 -25.91
CA PHE A 165 4.63 12.17 -24.66
C PHE A 165 3.83 13.46 -24.53
N ASP A 166 3.42 13.76 -23.29
CA ASP A 166 2.80 15.03 -22.92
C ASP A 166 3.92 15.95 -22.44
N GLU A 167 4.32 16.90 -23.29
CA GLU A 167 5.49 17.72 -22.99
C GLU A 167 5.33 18.50 -21.69
N THR A 168 4.11 18.72 -21.21
CA THR A 168 3.91 19.43 -19.95
C THR A 168 4.43 18.65 -18.75
N SER A 169 4.65 17.34 -18.90
CA SER A 169 5.14 16.49 -17.82
C SER A 169 6.66 16.38 -17.80
N PHE A 170 7.35 17.01 -18.75
CA PHE A 170 8.81 16.92 -18.78
C PHE A 170 9.43 17.65 -17.60
N TRP A 171 8.82 18.75 -17.16
CA TRP A 171 9.49 19.70 -16.28
C TRP A 171 8.89 19.79 -14.88
N ASN A 172 7.83 19.03 -14.59
CA ASN A 172 7.19 19.11 -13.28
C ASN A 172 7.19 17.79 -12.51
N SER A 173 7.94 16.79 -12.99
CA SER A 173 7.98 15.51 -12.31
C SER A 173 9.37 14.90 -12.50
N SER A 174 9.52 13.65 -12.05
CA SER A 174 10.75 12.90 -12.25
C SER A 174 10.60 11.81 -13.30
N HIS A 175 9.41 11.61 -13.84
CA HIS A 175 9.14 10.52 -14.77
C HIS A 175 8.09 11.04 -15.75
N PRO A 176 8.49 11.39 -16.98
CA PRO A 176 7.53 11.92 -17.95
C PRO A 176 6.44 10.90 -18.27
N ARG A 177 5.33 11.41 -18.82
CA ARG A 177 4.18 10.56 -19.10
C ARG A 177 3.54 11.01 -20.40
N GLY A 178 2.68 10.15 -20.95
CA GLY A 178 2.04 10.47 -22.20
C GLY A 178 0.82 9.60 -22.45
N TRP A 179 0.26 9.78 -23.64
CA TRP A 179 -0.96 9.12 -24.09
C TRP A 179 -0.65 7.96 -25.03
N ASN A 180 -1.48 6.91 -24.95
CA ASN A 180 -1.34 5.78 -25.85
C ASN A 180 -2.68 5.49 -26.53
N ASP A 181 -2.61 4.75 -27.64
CA ASP A 181 -3.79 4.23 -28.32
C ASP A 181 -3.86 2.71 -28.24
N HIS A 182 -3.24 2.13 -27.21
CA HIS A 182 -3.10 0.68 -27.16
C HIS A 182 -4.44 0.01 -26.92
N VAL A 183 -4.63 -1.14 -27.57
CA VAL A 183 -5.72 -2.05 -27.24
C VAL A 183 -5.09 -3.29 -26.61
N HIS A 184 -5.54 -3.65 -25.42
CA HIS A 184 -5.05 -4.86 -24.75
C HIS A 184 -6.23 -5.72 -24.35
N ILE A 185 -6.08 -7.04 -24.50
CA ILE A 185 -7.09 -8.00 -24.08
C ILE A 185 -6.61 -8.71 -22.82
N LEU A 186 -7.45 -8.72 -21.79
CA LEU A 186 -7.29 -9.63 -20.67
C LEU A 186 -8.35 -10.72 -20.85
N ASP A 187 -7.90 -11.95 -21.07
CA ASP A 187 -8.78 -13.09 -21.28
C ASP A 187 -9.04 -13.72 -19.91
N THR A 188 -10.28 -13.63 -19.42
CA THR A 188 -10.57 -14.16 -18.09
C THR A 188 -10.65 -15.68 -18.06
N GLU A 189 -10.58 -16.38 -19.21
CA GLU A 189 -10.44 -17.83 -19.15
C GLU A 189 -9.09 -18.25 -18.58
N THR A 190 -8.05 -17.45 -18.81
CA THR A 190 -6.69 -17.79 -18.36
C THR A 190 -5.98 -16.67 -17.62
N PHE A 191 -6.62 -15.52 -17.43
CA PHE A 191 -5.97 -14.30 -16.95
C PHE A 191 -4.63 -14.07 -17.66
N THR A 192 -4.70 -14.02 -18.99
CA THR A 192 -3.54 -13.80 -19.84
C THR A 192 -3.76 -12.55 -20.70
N TRP A 193 -2.75 -11.69 -20.73
CA TRP A 193 -2.74 -10.49 -21.57
C TRP A 193 -2.36 -10.83 -23.00
N SER A 194 -3.02 -10.17 -23.96
CA SER A 194 -2.63 -10.23 -25.35
C SER A 194 -3.02 -8.91 -26.01
N GLN A 195 -2.64 -8.73 -27.27
CA GLN A 195 -3.08 -7.60 -28.05
C GLN A 195 -3.62 -8.08 -29.38
N PRO A 196 -4.81 -7.65 -29.78
CA PRO A 196 -5.35 -8.01 -31.09
C PRO A 196 -4.63 -7.28 -32.21
N ILE A 197 -4.49 -7.97 -33.35
CA ILE A 197 -4.05 -7.32 -34.58
C ILE A 197 -5.28 -6.67 -35.20
N THR A 198 -5.35 -5.35 -35.17
CA THR A 198 -6.52 -4.64 -35.67
C THR A 198 -6.29 -4.14 -37.09
N THR A 199 -7.40 -3.92 -37.78
CA THR A 199 -7.42 -3.21 -39.05
C THR A 199 -8.21 -1.92 -38.88
N GLY A 200 -8.11 -1.04 -39.89
CA GLY A 200 -8.73 0.25 -39.81
C GLY A 200 -7.86 1.26 -39.08
N LYS A 201 -8.33 2.50 -39.06
CA LYS A 201 -7.60 3.60 -38.44
C LYS A 201 -8.01 3.66 -36.97
N ALA A 202 -7.10 3.31 -36.08
CA ALA A 202 -7.35 3.44 -34.66
C ALA A 202 -7.54 4.92 -34.31
N PRO A 203 -8.27 5.22 -33.24
CA PRO A 203 -8.27 6.59 -32.73
C PRO A 203 -6.86 7.01 -32.36
N SER A 204 -6.63 8.32 -32.38
CA SER A 204 -5.38 8.84 -31.86
C SER A 204 -5.20 8.38 -30.41
N PRO A 205 -3.96 8.37 -29.90
CA PRO A 205 -3.79 8.17 -28.46
C PRO A 205 -4.60 9.23 -27.71
N ARG A 206 -5.07 8.84 -26.53
CA ARG A 206 -5.89 9.73 -25.73
C ARG A 206 -6.07 9.16 -24.33
N ALA A 207 -6.45 10.03 -23.40
CA ALA A 207 -6.88 9.66 -22.07
C ALA A 207 -8.13 10.43 -21.68
N ALA A 208 -8.83 9.93 -20.67
CA ALA A 208 -10.06 10.55 -20.19
C ALA A 208 -11.14 10.57 -21.27
N HIS A 209 -11.03 9.68 -22.25
CA HIS A 209 -12.10 9.32 -23.17
C HIS A 209 -13.14 8.49 -22.43
N ALA A 210 -14.24 8.19 -23.11
CA ALA A 210 -15.24 7.31 -22.52
C ALA A 210 -15.58 6.22 -23.50
N CYS A 211 -15.70 4.99 -22.99
CA CYS A 211 -15.99 3.79 -23.76
C CYS A 211 -17.35 3.23 -23.36
N ALA A 212 -18.08 2.71 -24.33
CA ALA A 212 -19.35 2.04 -24.09
C ALA A 212 -19.46 0.88 -25.06
N THR A 213 -20.08 -0.21 -24.61
CA THR A 213 -20.21 -1.43 -25.40
C THR A 213 -21.67 -1.74 -25.67
N VAL A 214 -22.03 -1.91 -26.95
CA VAL A 214 -23.32 -2.49 -27.32
C VAL A 214 -23.06 -3.61 -28.31
N GLY A 215 -23.59 -4.80 -28.03
CA GLY A 215 -23.36 -5.93 -28.91
C GLY A 215 -21.87 -6.21 -29.00
N ASN A 216 -21.38 -6.32 -30.24
CA ASN A 216 -19.95 -6.51 -30.48
C ASN A 216 -19.27 -5.23 -30.94
N ARG A 217 -19.84 -4.06 -30.61
CA ARG A 217 -19.23 -2.79 -30.97
C ARG A 217 -18.75 -2.09 -29.71
N GLY A 218 -17.46 -1.80 -29.67
CA GLY A 218 -16.91 -1.07 -28.55
C GLY A 218 -16.74 0.39 -28.91
N PHE A 219 -17.67 1.23 -28.48
CA PHE A 219 -17.63 2.64 -28.87
C PHE A 219 -16.64 3.41 -28.01
N VAL A 220 -16.05 4.46 -28.59
CA VAL A 220 -15.26 5.38 -27.78
C VAL A 220 -15.50 6.80 -28.31
N PHE A 221 -15.72 7.73 -27.38
CA PHE A 221 -16.02 9.12 -27.69
C PHE A 221 -15.04 10.04 -26.97
N GLY A 222 -14.45 10.98 -27.71
CA GLY A 222 -13.80 12.09 -27.05
C GLY A 222 -12.47 11.75 -26.43
N GLY A 223 -12.09 12.55 -25.44
CA GLY A 223 -10.85 12.37 -24.72
C GLY A 223 -9.87 13.50 -24.96
N ARG A 224 -8.81 13.49 -24.17
CA ARG A 224 -7.74 14.48 -24.28
C ARG A 224 -6.58 13.90 -25.08
N TYR A 225 -6.06 14.71 -26.01
CA TYR A 225 -4.82 14.38 -26.72
C TYR A 225 -4.14 15.67 -27.12
N ARG A 226 -2.87 15.83 -26.72
CA ARG A 226 -2.09 17.04 -26.96
C ARG A 226 -2.88 18.29 -26.54
N ASP A 227 -3.16 19.22 -27.45
CA ASP A 227 -3.79 20.46 -27.06
C ASP A 227 -5.30 20.50 -27.31
N ALA A 228 -5.94 19.34 -27.43
CA ALA A 228 -7.38 19.30 -27.67
C ALA A 228 -8.07 18.32 -26.74
N ARG A 229 -9.32 18.64 -26.42
CA ARG A 229 -10.28 17.67 -25.93
C ARG A 229 -11.33 17.48 -27.02
N MET A 230 -11.56 16.22 -27.41
CA MET A 230 -12.04 15.87 -28.74
C MET A 230 -13.50 15.46 -28.72
N ASN A 231 -14.13 15.46 -29.91
CA ASN A 231 -15.51 15.01 -30.03
C ASN A 231 -15.67 13.99 -31.14
N ASP A 232 -14.61 13.25 -31.44
CA ASP A 232 -14.73 12.21 -32.45
C ASP A 232 -15.29 10.94 -31.82
N LEU A 233 -15.87 10.12 -32.67
CA LEU A 233 -16.59 8.93 -32.25
C LEU A 233 -16.10 7.78 -33.11
N HIS A 234 -15.63 6.71 -32.47
CA HIS A 234 -15.18 5.51 -33.17
C HIS A 234 -15.80 4.31 -32.49
N TYR A 235 -15.73 3.16 -33.17
CA TYR A 235 -15.99 1.88 -32.51
C TYR A 235 -15.04 0.84 -33.05
N LEU A 236 -14.58 -0.04 -32.16
CA LEU A 236 -13.83 -1.23 -32.51
C LEU A 236 -14.81 -2.39 -32.54
N ASN A 237 -14.90 -3.06 -33.70
CA ASN A 237 -15.68 -4.30 -33.79
C ASN A 237 -14.95 -5.39 -33.01
N LEU A 238 -15.56 -5.88 -31.93
CA LEU A 238 -14.87 -6.78 -31.01
C LEU A 238 -14.84 -8.23 -31.49
N ASP A 239 -15.40 -8.53 -32.66
CA ASP A 239 -15.31 -9.84 -33.29
C ASP A 239 -14.25 -9.89 -34.37
N THR A 240 -14.26 -8.92 -35.28
CA THR A 240 -13.30 -8.86 -36.38
C THR A 240 -12.07 -8.05 -36.06
N TRP A 241 -12.17 -7.12 -35.09
CA TRP A 241 -11.06 -6.25 -34.69
C TRP A 241 -10.77 -5.18 -35.74
N GLU A 242 -11.83 -4.66 -36.35
CA GLU A 242 -11.74 -3.59 -37.33
C GLU A 242 -12.19 -2.29 -36.69
N TRP A 243 -11.34 -1.27 -36.76
CA TRP A 243 -11.71 0.06 -36.29
C TRP A 243 -12.60 0.77 -37.32
N ASN A 244 -13.57 1.54 -36.82
CA ASN A 244 -14.45 2.32 -37.67
C ASN A 244 -14.60 3.71 -37.06
N GLU A 245 -14.48 4.75 -37.89
CA GLU A 245 -14.82 6.09 -37.42
C GLU A 245 -16.26 6.42 -37.81
N LEU A 246 -16.99 6.99 -36.87
CA LEU A 246 -18.37 7.39 -37.09
C LEU A 246 -18.42 8.89 -37.29
N ILE A 247 -19.14 9.33 -38.31
CA ILE A 247 -19.25 10.75 -38.64
C ILE A 247 -20.73 11.12 -38.61
N PRO A 248 -21.29 11.46 -37.45
CA PRO A 248 -22.73 11.77 -37.40
C PRO A 248 -23.06 13.01 -38.22
N GLN A 249 -24.24 13.00 -38.83
CA GLN A 249 -24.74 14.16 -39.54
C GLN A 249 -25.39 15.12 -38.57
N GLY A 250 -25.27 16.41 -38.87
CA GLY A 250 -25.91 17.42 -38.07
C GLY A 250 -25.05 17.85 -36.89
N ILE A 251 -25.71 18.27 -35.83
CA ILE A 251 -25.01 18.86 -34.69
C ILE A 251 -24.41 17.75 -33.83
N CYS A 252 -23.17 17.94 -33.41
CA CYS A 252 -22.49 17.03 -32.54
C CYS A 252 -22.18 17.72 -31.22
N PRO A 253 -22.03 16.98 -30.12
CA PRO A 253 -21.65 17.62 -28.86
C PRO A 253 -20.25 18.24 -28.96
N VAL A 254 -20.02 19.27 -28.15
CA VAL A 254 -18.70 19.89 -28.08
C VAL A 254 -17.66 18.87 -27.63
N GLY A 255 -16.43 19.02 -28.10
CA GLY A 255 -15.36 18.13 -27.70
C GLY A 255 -15.07 18.25 -26.21
N ARG A 256 -14.68 17.13 -25.61
CA ARG A 256 -14.57 17.10 -24.16
C ARG A 256 -13.74 15.92 -23.73
N SER A 257 -13.26 15.97 -22.50
CA SER A 257 -12.75 14.82 -21.78
C SER A 257 -13.48 14.72 -20.45
N TRP A 258 -13.22 13.64 -19.71
CA TRP A 258 -13.75 13.44 -18.36
C TRP A 258 -15.28 13.41 -18.31
N HIS A 259 -15.91 13.05 -19.42
CA HIS A 259 -17.33 12.83 -19.60
C HIS A 259 -17.66 11.36 -19.37
N SER A 260 -18.95 11.05 -19.18
CA SER A 260 -19.40 9.67 -19.11
C SER A 260 -20.17 9.29 -20.36
N LEU A 261 -20.04 8.03 -20.78
CA LEU A 261 -20.78 7.51 -21.92
C LEU A 261 -21.31 6.13 -21.55
N THR A 262 -22.64 5.97 -21.51
CA THR A 262 -23.29 4.78 -20.96
C THR A 262 -24.33 4.19 -21.91
N PRO A 263 -24.26 2.89 -22.21
CA PRO A 263 -25.36 2.27 -22.98
C PRO A 263 -26.65 2.29 -22.17
N VAL A 264 -27.74 2.67 -22.82
CA VAL A 264 -29.06 2.66 -22.17
C VAL A 264 -30.07 1.79 -22.90
N SER A 265 -29.72 1.28 -24.06
CA SER A 265 -30.53 0.31 -24.80
C SER A 265 -29.61 -0.31 -25.85
N SER A 266 -30.17 -1.22 -26.63
CA SER A 266 -29.36 -1.77 -27.71
C SER A 266 -29.17 -0.78 -28.85
N ASP A 267 -29.73 0.43 -28.74
CA ASP A 267 -29.58 1.42 -29.79
C ASP A 267 -29.16 2.81 -29.30
N HIS A 268 -28.93 3.00 -28.00
CA HIS A 268 -28.70 4.36 -27.54
C HIS A 268 -27.57 4.39 -26.53
N LEU A 269 -26.70 5.38 -26.67
CA LEU A 269 -25.69 5.71 -25.67
C LEU A 269 -26.05 7.04 -25.04
N PHE A 270 -25.82 7.15 -23.73
CA PHE A 270 -26.12 8.37 -23.00
C PHE A 270 -24.82 9.06 -22.59
N LEU A 271 -24.70 10.34 -22.95
CA LEU A 271 -23.52 11.16 -22.69
C LEU A 271 -23.86 12.23 -21.66
N PHE A 272 -22.98 12.43 -20.69
CA PHE A 272 -23.19 13.53 -19.74
C PHE A 272 -21.87 14.12 -19.29
N GLY A 273 -21.83 15.45 -19.22
CA GLY A 273 -20.75 16.17 -18.54
C GLY A 273 -19.46 16.23 -19.32
N GLY A 274 -18.38 16.45 -18.57
CA GLY A 274 -17.05 16.55 -19.12
C GLY A 274 -16.47 17.95 -19.02
N PHE A 275 -15.45 18.19 -19.85
CA PHE A 275 -14.54 19.33 -19.72
C PHE A 275 -14.06 19.71 -21.10
N THR A 276 -14.28 20.96 -21.52
CA THR A 276 -13.93 21.33 -22.88
C THR A 276 -12.43 21.64 -23.02
N THR A 277 -12.01 21.83 -24.28
CA THR A 277 -10.64 22.26 -24.57
C THR A 277 -10.29 23.54 -23.81
N ASP A 278 -11.19 24.52 -23.81
CA ASP A 278 -10.91 25.77 -23.11
C ASP A 278 -11.37 25.74 -21.66
N LYS A 279 -11.48 24.54 -21.07
CA LYS A 279 -11.62 24.37 -19.63
C LYS A 279 -12.98 24.77 -19.07
N GLN A 280 -14.05 24.55 -19.85
CA GLN A 280 -15.40 24.78 -19.35
C GLN A 280 -15.97 23.50 -18.76
N PRO A 281 -16.39 23.48 -17.49
CA PRO A 281 -17.23 22.37 -17.00
C PRO A 281 -18.55 22.30 -17.76
N LEU A 282 -18.99 21.08 -18.05
CA LEU A 282 -20.18 20.83 -18.86
C LEU A 282 -21.29 20.19 -18.05
N SER A 283 -22.53 20.59 -18.36
CA SER A 283 -23.73 19.98 -17.79
C SER A 283 -24.68 19.48 -18.88
N ASP A 284 -24.25 19.45 -20.12
CA ASP A 284 -25.14 18.99 -21.18
C ASP A 284 -25.19 17.46 -21.21
N ALA A 285 -26.31 16.95 -21.67
CA ALA A 285 -26.52 15.51 -21.84
C ALA A 285 -27.10 15.27 -23.22
N TRP A 286 -26.69 14.16 -23.84
CA TRP A 286 -27.12 13.76 -25.16
C TRP A 286 -27.36 12.26 -25.18
N THR A 287 -28.17 11.82 -26.14
CA THR A 287 -28.20 10.41 -26.48
C THR A 287 -27.69 10.25 -27.90
N TYR A 288 -26.86 9.24 -28.13
CA TYR A 288 -26.41 8.87 -29.46
C TYR A 288 -27.25 7.70 -29.93
N CYS A 289 -28.04 7.93 -30.98
CA CYS A 289 -28.83 6.86 -31.57
C CYS A 289 -27.97 6.11 -32.58
N ILE A 290 -27.66 4.86 -32.27
CA ILE A 290 -26.72 4.08 -33.07
C ILE A 290 -27.30 3.83 -34.46
N SER A 291 -28.58 3.44 -34.54
CA SER A 291 -29.17 3.07 -35.82
C SER A 291 -29.18 4.24 -36.78
N LYS A 292 -29.50 5.44 -36.29
CA LYS A 292 -29.55 6.65 -37.11
C LYS A 292 -28.22 7.36 -37.24
N ASN A 293 -27.20 7.03 -36.44
CA ASN A 293 -25.95 7.78 -36.36
C ASN A 293 -26.22 9.27 -36.16
N GLU A 294 -26.95 9.55 -35.08
CA GLU A 294 -27.40 10.90 -34.81
C GLU A 294 -27.37 11.17 -33.31
N TRP A 295 -26.88 12.35 -32.95
CA TRP A 295 -26.93 12.85 -31.58
C TRP A 295 -28.22 13.63 -31.34
N ILE A 296 -28.84 13.40 -30.20
CA ILE A 296 -30.03 14.16 -29.78
C ILE A 296 -29.78 14.71 -28.38
N GLN A 297 -29.94 16.01 -28.23
CA GLN A 297 -29.68 16.60 -26.93
C GLN A 297 -30.77 16.21 -25.95
N PHE A 298 -30.38 15.94 -24.71
CA PHE A 298 -31.26 15.39 -23.69
C PHE A 298 -31.61 16.46 -22.68
N ASN A 299 -32.90 16.67 -22.45
CA ASN A 299 -33.36 17.68 -21.51
C ASN A 299 -33.41 17.10 -20.11
N HIS A 300 -32.83 17.81 -19.14
CA HIS A 300 -32.72 17.31 -17.79
C HIS A 300 -32.68 18.48 -16.82
N PRO A 301 -32.93 18.25 -15.54
CA PRO A 301 -33.00 19.35 -14.56
C PRO A 301 -31.68 19.69 -13.89
N TYR A 302 -30.55 19.18 -14.35
CA TYR A 302 -29.26 19.42 -13.72
C TYR A 302 -28.38 20.37 -14.55
N THR A 303 -29.00 21.34 -15.24
CA THR A 303 -28.19 22.26 -16.04
C THR A 303 -27.26 23.10 -15.18
N GLU A 304 -27.58 23.30 -13.90
CA GLU A 304 -26.70 24.00 -12.97
C GLU A 304 -25.73 23.06 -12.26
N LYS A 305 -25.60 21.82 -12.69
CA LYS A 305 -24.75 20.84 -12.00
C LYS A 305 -23.76 20.20 -12.96
N PRO A 306 -22.84 20.99 -13.54
CA PRO A 306 -21.81 20.38 -14.40
C PRO A 306 -20.95 19.42 -13.59
N ARG A 307 -20.45 18.39 -14.27
CA ARG A 307 -19.63 17.37 -13.62
C ARG A 307 -18.56 16.89 -14.58
N LEU A 308 -17.35 16.69 -14.05
CA LEU A 308 -16.28 16.07 -14.82
C LEU A 308 -15.53 15.10 -13.91
N TRP A 309 -15.12 13.96 -14.48
CA TRP A 309 -14.49 12.87 -13.75
C TRP A 309 -15.45 12.23 -12.76
N HIS A 310 -16.76 12.42 -13.01
CA HIS A 310 -17.81 11.66 -12.37
C HIS A 310 -17.85 10.24 -12.96
N THR A 311 -18.77 9.44 -12.45
CA THR A 311 -19.06 8.14 -13.03
C THR A 311 -20.54 8.07 -13.35
N ALA A 312 -20.89 7.19 -14.30
CA ALA A 312 -22.27 6.94 -14.67
C ALA A 312 -22.54 5.45 -14.82
N CYS A 313 -23.67 4.99 -14.29
CA CYS A 313 -24.08 3.59 -14.37
C CYS A 313 -25.54 3.51 -14.74
N ALA A 314 -25.87 2.62 -15.67
CA ALA A 314 -27.25 2.40 -16.08
C ALA A 314 -27.93 1.38 -15.16
N SER A 315 -29.19 1.66 -14.83
CA SER A 315 -29.98 0.77 -13.99
C SER A 315 -30.91 -0.07 -14.84
N ASP A 316 -31.38 -1.17 -14.24
CA ASP A 316 -32.42 -1.99 -14.83
C ASP A 316 -33.73 -1.25 -15.00
N GLU A 317 -33.89 -0.09 -14.33
CA GLU A 317 -35.13 0.67 -14.34
C GLU A 317 -35.09 1.86 -15.29
N GLY A 318 -34.22 1.84 -16.30
CA GLY A 318 -34.24 2.86 -17.32
C GLY A 318 -33.68 4.21 -16.91
N GLU A 319 -32.82 4.24 -15.88
CA GLU A 319 -32.22 5.48 -15.41
C GLU A 319 -30.70 5.39 -15.56
N VAL A 320 -30.05 6.54 -15.59
CA VAL A 320 -28.59 6.61 -15.49
C VAL A 320 -28.24 7.33 -14.20
N ILE A 321 -27.41 6.69 -13.40
CA ILE A 321 -27.06 7.14 -12.06
C ILE A 321 -25.66 7.73 -12.14
N VAL A 322 -25.55 9.03 -11.93
CA VAL A 322 -24.26 9.71 -11.94
C VAL A 322 -23.85 9.98 -10.50
N PHE A 323 -22.57 9.76 -10.19
CA PHE A 323 -22.06 10.01 -8.85
C PHE A 323 -20.72 10.71 -8.93
N GLY A 324 -20.48 11.59 -7.95
CA GLY A 324 -19.17 12.18 -7.73
C GLY A 324 -18.76 13.11 -8.86
N GLY A 325 -17.46 13.27 -9.01
CA GLY A 325 -16.94 14.21 -9.98
C GLY A 325 -16.88 15.61 -9.41
N CYS A 326 -16.46 16.55 -10.26
CA CYS A 326 -16.12 17.90 -9.86
C CYS A 326 -16.95 18.91 -10.64
N ALA A 327 -17.47 19.92 -9.92
CA ALA A 327 -18.33 20.93 -10.53
C ALA A 327 -17.56 22.04 -11.24
N ASN A 328 -16.25 22.14 -11.03
CA ASN A 328 -15.47 23.20 -11.65
C ASN A 328 -14.17 22.60 -12.17
N ASN A 329 -13.23 23.49 -12.52
CA ASN A 329 -11.94 23.05 -13.05
C ASN A 329 -11.13 22.42 -11.91
N LEU A 330 -11.07 21.08 -11.90
CA LEU A 330 -10.38 20.37 -10.82
C LEU A 330 -8.88 20.59 -10.85
N LEU A 331 -8.34 21.11 -11.96
CA LEU A 331 -6.91 21.37 -12.06
C LEU A 331 -6.47 22.49 -11.12
N VAL A 332 -7.39 23.35 -10.69
CA VAL A 332 -7.08 24.34 -9.64
C VAL A 332 -7.45 23.66 -8.33
N HIS A 333 -6.52 22.84 -7.80
CA HIS A 333 -6.88 21.87 -6.79
C HIS A 333 -7.43 22.55 -5.54
N HIS A 334 -6.86 23.70 -5.16
CA HIS A 334 -7.25 24.32 -3.90
C HIS A 334 -8.63 24.97 -3.97
N ARG A 335 -9.22 25.14 -5.16
CA ARG A 335 -10.59 25.63 -5.33
C ARG A 335 -11.55 24.56 -5.84
N ALA A 336 -11.09 23.33 -6.05
CA ALA A 336 -11.90 22.34 -6.74
C ALA A 336 -13.15 21.97 -5.93
N ALA A 337 -14.27 21.81 -6.62
CA ALA A 337 -15.55 21.53 -5.96
C ALA A 337 -15.96 20.09 -6.27
N HIS A 338 -15.41 19.17 -5.50
CA HIS A 338 -15.75 17.76 -5.65
C HIS A 338 -17.08 17.48 -4.97
N SER A 339 -17.84 16.56 -5.56
CA SER A 339 -19.24 16.34 -5.19
C SER A 339 -19.44 14.92 -4.67
N ASN A 340 -20.42 14.77 -3.77
CA ASN A 340 -20.91 13.46 -3.39
C ASN A 340 -22.36 13.25 -3.83
N GLU A 341 -22.86 14.09 -4.74
CA GLU A 341 -24.25 14.05 -5.14
C GLU A 341 -24.52 12.88 -6.10
N ILE A 342 -25.72 12.33 -5.99
CA ILE A 342 -26.28 11.41 -6.97
C ILE A 342 -27.19 12.21 -7.88
N LEU A 343 -26.95 12.12 -9.18
CA LEU A 343 -27.83 12.72 -10.18
C LEU A 343 -28.51 11.59 -10.93
N ILE A 344 -29.83 11.63 -11.01
CA ILE A 344 -30.60 10.56 -11.64
C ILE A 344 -31.20 11.10 -12.92
N PHE A 345 -30.78 10.52 -14.04
CA PHE A 345 -31.34 10.83 -15.34
C PHE A 345 -32.34 9.75 -15.72
N SER A 346 -33.56 10.15 -16.04
CA SER A 346 -34.59 9.22 -16.49
C SER A 346 -34.51 9.13 -18.00
N VAL A 347 -33.77 8.13 -18.48
CA VAL A 347 -33.52 8.02 -19.92
C VAL A 347 -34.56 7.17 -20.64
N GLN A 348 -35.26 6.29 -19.93
CA GLN A 348 -36.27 5.44 -20.56
C GLN A 348 -37.58 5.44 -19.77
N LEU B 14 30.01 3.37 -5.01
CA LEU B 14 29.36 2.07 -5.16
C LEU B 14 27.89 2.13 -4.78
N ALA B 15 27.23 0.98 -4.85
CA ALA B 15 25.84 0.86 -4.42
C ALA B 15 25.82 0.69 -2.91
N CYS B 16 25.44 1.76 -2.20
CA CYS B 16 25.20 1.67 -0.77
C CYS B 16 23.82 2.21 -0.46
N PRO B 17 23.15 1.65 0.54
CA PRO B 17 21.77 2.04 0.83
C PRO B 17 21.69 3.43 1.42
N ALA B 18 20.52 4.04 1.26
CA ALA B 18 20.25 5.33 1.88
C ALA B 18 20.20 5.19 3.39
N GLU B 19 20.54 6.28 4.08
CA GLU B 19 20.50 6.31 5.53
C GLU B 19 19.07 6.06 6.01
N ARG B 20 18.94 5.55 7.23
CA ARG B 20 17.62 5.18 7.71
C ARG B 20 17.70 4.81 9.19
N SER B 21 16.57 4.99 9.89
CA SER B 21 16.34 4.41 11.21
C SER B 21 15.05 3.62 11.17
N GLY B 22 14.85 2.80 12.19
CA GLY B 22 13.61 2.04 12.29
C GLY B 22 13.40 1.00 11.21
N HIS B 23 14.44 0.66 10.46
CA HIS B 23 14.44 -0.43 9.50
C HIS B 23 14.50 -1.78 10.21
N VAL B 24 14.45 -2.86 9.45
CA VAL B 24 14.76 -4.17 10.01
C VAL B 24 16.03 -4.70 9.35
N ALA B 25 16.75 -5.54 10.11
CA ALA B 25 17.86 -6.31 9.56
C ALA B 25 17.86 -7.70 10.18
N VAL B 26 17.99 -8.72 9.34
CA VAL B 26 18.08 -10.11 9.77
C VAL B 26 19.20 -10.77 9.00
N SER B 27 19.70 -11.86 9.55
CA SER B 27 20.83 -12.51 8.89
C SER B 27 20.83 -13.99 9.20
N ASP B 28 21.53 -14.73 8.33
CA ASP B 28 21.85 -16.14 8.52
C ASP B 28 23.25 -16.32 9.08
N GLY B 29 23.92 -15.23 9.45
CA GLY B 29 25.30 -15.26 9.87
C GLY B 29 26.29 -14.97 8.77
N ARG B 30 25.83 -14.91 7.51
CA ARG B 30 26.69 -14.63 6.36
C ARG B 30 26.24 -13.39 5.59
N HIS B 31 24.94 -13.34 5.30
CA HIS B 31 24.35 -12.24 4.55
C HIS B 31 23.33 -11.55 5.44
N MET B 32 23.32 -10.23 5.42
CA MET B 32 22.42 -9.44 6.23
C MET B 32 21.41 -8.78 5.32
N PHE B 33 20.13 -8.99 5.61
CA PHE B 33 19.05 -8.47 4.78
C PHE B 33 18.41 -7.28 5.47
N VAL B 34 18.34 -6.16 4.76
CA VAL B 34 17.87 -4.91 5.34
C VAL B 34 16.64 -4.44 4.56
N TRP B 35 15.58 -4.08 5.30
CA TRP B 35 14.34 -3.64 4.68
C TRP B 35 13.75 -2.45 5.44
N GLY B 36 13.17 -1.52 4.69
CA GLY B 36 12.31 -0.50 5.27
C GLY B 36 13.04 0.62 6.00
N GLY B 37 12.35 1.21 6.96
CA GLY B 37 12.88 2.33 7.72
C GLY B 37 12.37 3.63 7.16
N TYR B 38 12.86 4.72 7.76
CA TYR B 38 12.52 6.08 7.35
C TYR B 38 13.75 6.94 7.55
N LYS B 39 13.72 8.15 6.98
CA LYS B 39 14.77 9.13 7.21
C LYS B 39 14.14 10.53 7.19
N SER B 40 14.99 11.53 7.28
CA SER B 40 14.58 12.91 7.06
C SER B 40 15.02 13.33 5.65
N ASN B 41 14.67 14.56 5.27
CA ASN B 41 15.00 15.08 3.94
C ASN B 41 14.48 14.19 2.82
N PHE B 49 10.92 10.73 4.87
CA PHE B 49 9.90 9.83 4.35
C PHE B 49 10.29 8.37 4.58
N TYR B 50 9.46 7.47 4.10
CA TYR B 50 9.78 6.05 4.19
C TYR B 50 10.68 5.62 3.04
N LEU B 51 11.64 4.75 3.35
CA LEU B 51 12.48 4.15 2.31
C LEU B 51 11.64 3.23 1.42
N PRO B 52 12.08 3.02 0.17
CA PRO B 52 11.22 2.33 -0.80
C PRO B 52 10.88 0.91 -0.37
N ARG B 53 9.58 0.59 -0.39
CA ARG B 53 9.11 -0.69 0.11
C ARG B 53 9.60 -1.86 -0.72
N GLU B 54 9.88 -1.66 -1.99
CA GLU B 54 10.20 -2.80 -2.83
C GLU B 54 11.69 -3.16 -2.79
N GLU B 55 12.53 -2.32 -2.20
CA GLU B 55 13.96 -2.62 -2.12
C GLU B 55 14.26 -3.58 -0.99
N LEU B 56 15.16 -4.52 -1.25
CA LEU B 56 15.78 -5.37 -0.25
C LEU B 56 17.28 -5.22 -0.41
N TRP B 57 17.95 -4.73 0.63
CA TRP B 57 19.39 -4.55 0.61
C TRP B 57 20.04 -5.74 1.31
N ILE B 58 21.04 -6.33 0.65
CA ILE B 58 21.74 -7.50 1.17
C ILE B 58 23.19 -7.12 1.38
N TYR B 59 23.67 -7.28 2.61
CA TYR B 59 25.05 -7.02 2.98
C TYR B 59 25.76 -8.35 3.15
N ASN B 60 26.89 -8.51 2.46
CA ASN B 60 27.74 -9.68 2.64
C ASN B 60 28.69 -9.40 3.80
N MET B 61 28.57 -10.18 4.88
CA MET B 61 29.34 -9.93 6.08
C MET B 61 30.81 -10.34 5.96
N GLU B 62 31.15 -11.14 4.95
CA GLU B 62 32.52 -11.60 4.75
C GLU B 62 33.34 -10.64 3.91
N THR B 63 32.73 -10.10 2.84
CA THR B 63 33.40 -9.17 1.95
C THR B 63 33.09 -7.70 2.26
N GLY B 64 31.98 -7.42 2.92
CA GLY B 64 31.59 -6.06 3.18
C GLY B 64 30.95 -5.34 2.02
N ARG B 65 30.39 -6.06 1.06
CA ARG B 65 29.76 -5.45 -0.12
C ARG B 65 28.23 -5.54 -0.01
N TRP B 66 27.57 -4.52 -0.57
CA TRP B 66 26.12 -4.41 -0.60
C TRP B 66 25.58 -4.78 -1.98
N LYS B 67 24.38 -5.36 -2.00
CA LYS B 67 23.63 -5.60 -3.23
C LYS B 67 22.19 -5.17 -3.02
N LYS B 68 21.56 -4.61 -4.05
CA LYS B 68 20.16 -4.20 -3.98
C LYS B 68 19.32 -5.03 -4.94
N ILE B 69 18.26 -5.65 -4.41
CA ILE B 69 17.32 -6.38 -5.23
C ILE B 69 15.93 -5.80 -5.02
N ASN B 70 15.12 -5.85 -6.07
CA ASN B 70 13.75 -5.37 -6.00
C ASN B 70 12.82 -6.58 -5.88
N THR B 71 11.93 -6.54 -4.91
CA THR B 71 10.99 -7.64 -4.65
C THR B 71 9.66 -7.35 -5.31
N GLU B 72 8.83 -8.40 -5.38
CA GLU B 72 7.48 -8.28 -5.92
C GLU B 72 6.57 -9.12 -5.04
N GLY B 73 5.37 -9.43 -5.55
CA GLY B 73 4.38 -10.14 -4.78
C GLY B 73 3.65 -9.24 -3.81
N ASP B 74 3.35 -9.74 -2.61
CA ASP B 74 2.62 -8.96 -1.61
C ASP B 74 3.59 -8.06 -0.85
N VAL B 75 4.16 -7.10 -1.56
CA VAL B 75 5.15 -6.19 -0.96
C VAL B 75 4.52 -5.47 0.22
N PRO B 76 5.10 -5.54 1.41
CA PRO B 76 4.54 -4.81 2.55
C PRO B 76 4.59 -3.32 2.31
N PRO B 77 3.72 -2.55 2.98
CA PRO B 77 3.85 -1.09 2.92
C PRO B 77 5.18 -0.65 3.52
N SER B 78 5.71 0.47 3.01
CA SER B 78 6.91 1.05 3.62
C SER B 78 6.62 1.40 5.07
N MET B 79 7.50 0.92 5.98
CA MET B 79 7.24 1.02 7.42
C MET B 79 8.51 1.26 8.23
N SER B 80 8.32 1.93 9.38
CA SER B 80 9.28 1.93 10.48
C SER B 80 8.77 1.03 11.60
N GLY B 81 9.69 0.53 12.42
CA GLY B 81 9.29 -0.19 13.61
C GLY B 81 8.78 -1.61 13.39
N SER B 82 8.91 -2.18 12.19
CA SER B 82 8.50 -3.57 12.00
C SER B 82 9.44 -4.51 12.75
N CYS B 83 9.01 -5.76 12.90
CA CYS B 83 9.71 -6.76 13.69
C CYS B 83 9.92 -7.98 12.81
N ALA B 84 11.18 -8.33 12.54
CA ALA B 84 11.46 -9.34 11.53
C ALA B 84 12.45 -10.37 12.06
N VAL B 85 12.37 -11.59 11.51
CA VAL B 85 13.27 -12.69 11.83
C VAL B 85 13.69 -13.38 10.55
N CYS B 86 14.82 -14.08 10.60
CA CYS B 86 15.21 -14.97 9.52
C CYS B 86 15.35 -16.36 10.12
N VAL B 87 14.55 -17.30 9.61
CA VAL B 87 14.62 -18.70 10.04
C VAL B 87 14.82 -19.52 8.78
N ASP B 88 15.97 -20.18 8.66
CA ASP B 88 16.25 -21.08 7.53
C ASP B 88 16.17 -20.34 6.20
N ARG B 89 16.69 -19.11 6.16
CA ARG B 89 16.68 -18.27 4.98
C ARG B 89 15.26 -17.91 4.52
N VAL B 90 14.30 -18.00 5.42
CA VAL B 90 12.97 -17.44 5.20
C VAL B 90 12.83 -16.23 6.11
N LEU B 91 12.42 -15.11 5.54
CA LEU B 91 12.22 -13.87 6.28
C LEU B 91 10.76 -13.77 6.66
N TYR B 92 10.50 -13.45 7.93
CA TYR B 92 9.16 -13.20 8.44
C TYR B 92 9.13 -11.80 9.02
N LEU B 93 8.05 -11.08 8.77
CA LEU B 93 7.93 -9.68 9.14
C LEU B 93 6.57 -9.46 9.77
N PHE B 94 6.54 -8.84 10.95
CA PHE B 94 5.29 -8.56 11.66
C PHE B 94 5.21 -7.10 12.06
N GLY B 95 4.02 -6.50 11.91
CA GLY B 95 3.83 -5.18 12.51
C GLY B 95 4.57 -4.07 11.78
N GLY B 96 4.62 -2.93 12.45
CA GLY B 96 5.23 -1.72 11.92
C GLY B 96 4.25 -0.56 11.86
N HIS B 97 4.76 0.55 11.32
CA HIS B 97 4.01 1.79 11.16
C HIS B 97 4.27 2.30 9.76
N HIS B 98 3.21 2.43 8.96
CA HIS B 98 3.27 3.00 7.62
C HIS B 98 2.53 4.33 7.58
N SER B 99 2.37 4.89 6.38
CA SER B 99 1.83 6.24 6.22
C SER B 99 0.42 6.39 6.79
N ARG B 100 -0.31 5.30 6.96
CA ARG B 100 -1.65 5.35 7.54
C ARG B 100 -1.75 4.59 8.84
N GLY B 101 -0.65 4.49 9.58
CA GLY B 101 -0.68 3.99 10.94
C GLY B 101 -0.08 2.59 11.08
N ASN B 102 -0.41 1.97 12.21
CA ASN B 102 0.15 0.68 12.60
C ASN B 102 -0.59 -0.49 11.93
N THR B 103 0.07 -1.64 11.94
CA THR B 103 -0.48 -2.85 11.36
C THR B 103 -0.17 -4.05 12.25
N ASN B 104 -0.97 -5.11 12.08
CA ASN B 104 -0.71 -6.42 12.66
C ASN B 104 -0.64 -7.49 11.57
N LYS B 105 -0.40 -7.08 10.33
CA LYS B 105 -0.23 -8.04 9.25
C LYS B 105 1.14 -8.70 9.31
N PHE B 106 1.21 -9.92 8.77
CA PHE B 106 2.36 -10.82 8.84
C PHE B 106 2.75 -11.24 7.44
N TYR B 107 4.04 -11.14 7.11
CA TYR B 107 4.51 -11.40 5.76
C TYR B 107 5.65 -12.40 5.79
N MET B 108 5.82 -13.11 4.68
CA MET B 108 6.89 -14.07 4.51
C MET B 108 7.68 -13.72 3.25
N LEU B 109 9.00 -13.88 3.30
CA LEU B 109 9.83 -13.71 2.11
C LEU B 109 10.85 -14.83 2.06
N ASP B 110 10.65 -15.76 1.15
CA ASP B 110 11.53 -16.91 0.99
C ASP B 110 12.75 -16.47 0.17
N SER B 111 13.91 -16.37 0.83
CA SER B 111 15.12 -15.90 0.16
C SER B 111 16.03 -17.04 -0.28
N ARG B 112 15.52 -18.28 -0.29
CA ARG B 112 16.37 -19.43 -0.50
C ARG B 112 16.78 -19.59 -1.96
N SER B 113 15.81 -19.69 -2.86
CA SER B 113 16.10 -19.90 -4.28
C SER B 113 16.57 -18.62 -4.96
N VAL B 117 13.19 -13.58 -9.06
CA VAL B 117 12.96 -12.43 -8.21
C VAL B 117 12.19 -12.87 -6.97
N LEU B 118 12.60 -12.33 -5.81
CA LEU B 118 12.01 -12.72 -4.54
C LEU B 118 10.58 -12.19 -4.44
N GLN B 119 9.71 -13.00 -3.83
CA GLN B 119 8.28 -12.74 -3.79
C GLN B 119 7.81 -12.70 -2.35
N TRP B 120 7.30 -11.54 -1.93
CA TRP B 120 6.66 -11.42 -0.63
C TRP B 120 5.32 -12.17 -0.62
N GLU B 121 5.00 -12.77 0.51
CA GLU B 121 3.72 -13.46 0.72
C GLU B 121 3.06 -12.92 1.99
N ARG B 122 1.93 -12.24 1.85
CA ARG B 122 1.16 -11.89 3.06
C ARG B 122 0.40 -13.14 3.51
N ILE B 123 0.59 -13.54 4.77
CA ILE B 123 0.06 -14.79 5.27
C ILE B 123 -1.27 -14.54 5.95
N ASP B 124 -2.31 -15.23 5.48
CA ASP B 124 -3.61 -15.30 6.13
C ASP B 124 -3.47 -16.16 7.39
N CYS B 125 -3.24 -15.54 8.53
CA CYS B 125 -3.02 -16.28 9.77
C CYS B 125 -4.34 -16.66 10.43
N GLN B 126 -4.40 -17.86 10.97
CA GLN B 126 -5.51 -18.27 11.80
C GLN B 126 -5.37 -17.65 13.20
N GLY B 127 -6.47 -17.67 13.94
CA GLY B 127 -6.44 -17.22 15.30
C GLY B 127 -6.54 -15.72 15.43
N ILE B 128 -6.39 -15.26 16.67
CA ILE B 128 -6.55 -13.84 17.00
C ILE B 128 -5.17 -13.21 16.96
N PRO B 129 -4.91 -12.27 16.06
CA PRO B 129 -3.57 -11.70 15.94
C PRO B 129 -3.31 -10.73 17.09
N PRO B 130 -2.08 -10.28 17.26
CA PRO B 130 -1.84 -9.20 18.23
C PRO B 130 -2.46 -7.90 17.76
N SER B 131 -2.48 -6.92 18.68
CA SER B 131 -2.93 -5.60 18.29
C SER B 131 -1.94 -4.99 17.29
N SER B 132 -2.45 -4.04 16.50
CA SER B 132 -1.60 -3.36 15.53
C SER B 132 -0.57 -2.52 16.28
N LYS B 133 0.70 -2.74 15.99
CA LYS B 133 1.74 -2.15 16.83
C LYS B 133 3.09 -2.16 16.12
N ASP B 134 4.05 -1.49 16.75
CA ASP B 134 5.43 -1.44 16.25
C ASP B 134 6.38 -1.43 17.44
N LYS B 135 7.67 -1.35 17.15
CA LYS B 135 8.73 -1.20 18.16
C LYS B 135 8.62 -2.24 19.26
N LEU B 136 8.65 -3.50 18.84
CA LEU B 136 8.49 -4.64 19.75
C LEU B 136 9.70 -5.53 19.60
N GLY B 137 9.60 -6.78 20.08
CA GLY B 137 10.67 -7.74 19.94
C GLY B 137 10.12 -9.14 19.71
N VAL B 138 11.00 -10.06 19.32
CA VAL B 138 10.58 -11.41 19.02
C VAL B 138 11.66 -12.40 19.41
N TRP B 139 11.22 -13.57 19.87
CA TRP B 139 12.12 -14.70 20.11
C TRP B 139 11.74 -15.82 19.16
N VAL B 140 12.74 -16.54 18.65
CA VAL B 140 12.51 -17.67 17.77
C VAL B 140 12.80 -18.92 18.58
N TYR B 141 11.83 -19.84 18.61
CA TYR B 141 12.05 -21.09 19.36
C TYR B 141 11.32 -22.22 18.64
N LYS B 142 12.10 -23.10 18.01
CA LYS B 142 11.58 -24.29 17.32
C LYS B 142 10.58 -23.80 16.27
N ASN B 143 9.35 -24.26 16.29
CA ASN B 143 8.37 -23.86 15.28
C ASN B 143 7.66 -22.55 15.61
N LYS B 144 7.99 -21.90 16.73
CA LYS B 144 7.25 -20.76 17.24
C LYS B 144 8.00 -19.46 17.04
N LEU B 145 7.28 -18.43 16.58
CA LEU B 145 7.73 -17.05 16.66
C LEU B 145 6.99 -16.42 17.83
N ILE B 146 7.72 -15.91 18.82
CA ILE B 146 7.13 -15.44 20.08
C ILE B 146 7.34 -13.92 20.16
N PHE B 147 6.27 -13.15 20.03
CA PHE B 147 6.36 -11.69 20.01
C PHE B 147 6.03 -11.11 21.38
N PHE B 148 6.71 -10.02 21.75
CA PHE B 148 6.48 -9.40 23.06
C PHE B 148 6.42 -7.89 22.98
N GLY B 149 5.39 -7.30 23.59
CA GLY B 149 5.36 -5.87 23.85
C GLY B 149 5.06 -5.05 22.61
N GLY B 150 5.40 -3.78 22.69
CA GLY B 150 5.28 -2.86 21.58
C GLY B 150 4.35 -1.69 21.85
N TYR B 151 4.12 -0.90 20.81
CA TYR B 151 3.42 0.37 20.91
C TYR B 151 2.42 0.45 19.78
N GLY B 152 1.17 0.77 20.10
CA GLY B 152 0.18 0.89 19.04
C GLY B 152 -1.21 1.06 19.62
N TYR B 153 -2.21 0.73 18.81
CA TYR B 153 -3.59 1.02 19.18
C TYR B 153 -4.07 0.16 20.35
N LEU B 154 -5.07 0.70 21.05
CA LEU B 154 -5.90 -0.10 21.93
C LEU B 154 -6.29 -1.40 21.22
N PRO B 155 -6.07 -2.57 21.83
CA PRO B 155 -6.50 -3.81 21.18
C PRO B 155 -8.00 -3.81 20.90
N GLU B 156 -8.37 -4.44 19.78
CA GLU B 156 -9.77 -4.51 19.41
C GLU B 156 -10.58 -5.30 20.44
N ASP B 157 -9.97 -6.33 21.02
CA ASP B 157 -10.63 -7.14 22.04
C ASP B 157 -9.69 -7.32 23.22
N LYS B 158 -10.27 -7.47 24.40
CA LYS B 158 -9.50 -7.84 25.58
C LYS B 158 -8.84 -9.21 25.37
N VAL B 159 -7.54 -9.27 25.64
CA VAL B 159 -6.75 -10.50 25.55
C VAL B 159 -5.86 -10.60 26.78
N LEU B 160 -5.00 -11.61 26.81
CA LEU B 160 -4.16 -11.82 27.98
C LEU B 160 -3.05 -10.78 28.03
N GLY B 161 -3.00 -10.03 29.12
CA GLY B 161 -1.96 -9.06 29.29
C GLY B 161 -2.53 -7.70 29.61
N THR B 162 -1.67 -6.69 29.55
CA THR B 162 -2.05 -5.35 29.93
C THR B 162 -1.62 -4.35 28.87
N PHE B 163 -2.39 -3.27 28.77
CA PHE B 163 -2.16 -2.19 27.84
C PHE B 163 -2.30 -0.89 28.62
N GLU B 164 -1.37 0.03 28.38
CA GLU B 164 -1.34 1.31 29.09
C GLU B 164 -1.26 2.43 28.06
N PHE B 165 -2.25 3.31 28.07
CA PHE B 165 -2.23 4.43 27.13
C PHE B 165 -1.06 5.36 27.41
N ASP B 166 -0.46 5.86 26.34
CA ASP B 166 0.50 6.96 26.39
C ASP B 166 -0.31 8.25 26.25
N GLU B 167 -0.40 9.02 27.34
CA GLU B 167 -1.31 10.15 27.34
C GLU B 167 -0.92 11.20 26.30
N THR B 168 0.37 11.27 25.94
CA THR B 168 0.79 12.23 24.92
C THR B 168 0.16 11.94 23.56
N SER B 169 -0.35 10.72 23.34
CA SER B 169 -0.87 10.36 22.03
C SER B 169 -2.31 10.81 21.81
N PHE B 170 -2.95 11.41 22.81
CA PHE B 170 -4.29 11.98 22.63
C PHE B 170 -4.24 13.40 22.10
N TRP B 171 -3.16 14.12 22.37
CA TRP B 171 -3.07 15.54 22.09
C TRP B 171 -2.24 15.84 20.84
N ASN B 172 -1.95 14.83 20.01
CA ASN B 172 -1.27 15.08 18.75
C ASN B 172 -1.84 14.33 17.56
N SER B 173 -2.57 13.22 17.74
CA SER B 173 -3.00 12.38 16.65
C SER B 173 -4.50 12.09 16.75
N SER B 174 -5.05 11.58 15.64
CA SER B 174 -6.46 11.20 15.61
C SER B 174 -6.72 9.91 16.37
N HIS B 175 -5.69 9.06 16.53
CA HIS B 175 -5.84 7.76 17.19
C HIS B 175 -4.80 7.67 18.30
N PRO B 176 -5.21 7.48 19.55
CA PRO B 176 -4.24 7.35 20.63
C PRO B 176 -3.57 5.99 20.61
N ARG B 177 -2.45 5.89 21.31
CA ARG B 177 -1.65 4.67 21.31
C ARG B 177 -1.09 4.45 22.71
N GLY B 178 -0.64 3.22 22.95
CA GLY B 178 -0.09 2.86 24.25
C GLY B 178 0.82 1.66 24.14
N TRP B 179 1.40 1.29 25.28
CA TRP B 179 2.34 0.18 25.44
C TRP B 179 1.62 -1.07 25.92
N ASN B 180 2.14 -2.22 25.52
CA ASN B 180 1.60 -3.49 26.00
C ASN B 180 2.73 -4.39 26.48
N ASP B 181 2.36 -5.36 27.32
CA ASP B 181 3.24 -6.43 27.75
C ASP B 181 2.84 -7.77 27.16
N HIS B 182 2.13 -7.77 26.03
CA HIS B 182 1.54 -9.00 25.53
C HIS B 182 2.60 -9.97 25.01
N VAL B 183 2.36 -11.26 25.23
CA VAL B 183 3.12 -12.34 24.58
C VAL B 183 2.18 -13.04 23.60
N HIS B 184 2.58 -13.12 22.32
CA HIS B 184 1.84 -13.86 21.32
C HIS B 184 2.74 -14.86 20.61
N ILE B 185 2.18 -16.02 20.26
CA ILE B 185 2.88 -17.06 19.52
C ILE B 185 2.27 -17.14 18.13
N LEU B 186 3.12 -17.09 17.11
CA LEU B 186 2.76 -17.51 15.75
C LEU B 186 3.42 -18.86 15.50
N ASP B 187 2.61 -19.92 15.44
CA ASP B 187 3.10 -21.27 15.20
C ASP B 187 3.27 -21.46 13.69
N THR B 188 4.51 -21.60 13.24
CA THR B 188 4.73 -21.68 11.79
C THR B 188 4.33 -23.03 11.19
N GLU B 189 3.92 -24.00 12.01
CA GLU B 189 3.37 -25.24 11.44
C GLU B 189 1.98 -25.01 10.84
N THR B 190 1.24 -24.02 11.34
CA THR B 190 -0.13 -23.77 10.90
C THR B 190 -0.42 -22.30 10.61
N PHE B 191 0.55 -21.42 10.82
CA PHE B 191 0.37 -19.96 10.82
C PHE B 191 -0.89 -19.57 11.60
N THR B 192 -0.90 -19.98 12.86
CA THR B 192 -2.00 -19.74 13.78
C THR B 192 -1.48 -18.96 14.98
N TRP B 193 -2.15 -17.86 15.32
CA TRP B 193 -1.85 -17.07 16.49
C TRP B 193 -2.45 -17.68 17.75
N SER B 194 -1.75 -17.51 18.88
CA SER B 194 -2.23 -17.91 20.18
C SER B 194 -1.46 -17.12 21.24
N GLN B 195 -1.89 -17.23 22.49
CA GLN B 195 -1.11 -16.67 23.58
C GLN B 195 -0.86 -17.74 24.64
N PRO B 196 0.35 -17.78 25.21
CA PRO B 196 0.62 -18.74 26.27
C PRO B 196 0.14 -18.24 27.63
N ILE B 197 -0.24 -19.18 28.47
CA ILE B 197 -0.48 -18.87 29.88
C ILE B 197 0.87 -18.81 30.58
N THR B 198 1.32 -17.61 30.92
CA THR B 198 2.59 -17.47 31.61
C THR B 198 2.40 -17.42 33.12
N THR B 199 3.48 -17.70 33.82
CA THR B 199 3.59 -17.49 35.24
C THR B 199 4.77 -16.57 35.53
N GLY B 200 4.89 -16.16 36.78
CA GLY B 200 5.89 -15.19 37.15
C GLY B 200 5.40 -13.78 36.86
N LYS B 201 6.20 -12.81 37.26
CA LYS B 201 5.90 -11.40 37.00
C LYS B 201 6.46 -11.04 35.63
N ALA B 202 5.57 -10.75 34.69
CA ALA B 202 6.02 -10.28 33.39
C ALA B 202 6.64 -8.89 33.53
N PRO B 203 7.55 -8.52 32.63
CA PRO B 203 8.02 -7.13 32.61
C PRO B 203 6.84 -6.19 32.39
N SER B 204 7.02 -4.93 32.82
CA SER B 204 6.01 -3.93 32.54
C SER B 204 5.77 -3.83 31.04
N PRO B 205 4.62 -3.30 30.62
CA PRO B 205 4.44 -2.96 29.21
C PRO B 205 5.57 -2.04 28.77
N ARG B 206 5.96 -2.17 27.50
CA ARG B 206 7.09 -1.39 27.01
C ARG B 206 7.14 -1.46 25.49
N ALA B 207 7.85 -0.51 24.91
CA ALA B 207 8.22 -0.55 23.50
C ALA B 207 9.66 -0.11 23.37
N ALA B 208 10.27 -0.46 22.23
CA ALA B 208 11.64 -0.12 21.92
C ALA B 208 12.61 -0.76 22.89
N HIS B 209 12.15 -1.85 23.51
CA HIS B 209 13.00 -2.80 24.21
C HIS B 209 13.78 -3.63 23.19
N ALA B 210 14.72 -4.42 23.69
CA ALA B 210 15.46 -5.35 22.85
C ALA B 210 15.30 -6.77 23.38
N CYS B 211 15.09 -7.71 22.47
CA CYS B 211 14.92 -9.12 22.81
C CYS B 211 16.04 -9.94 22.20
N ALA B 212 16.48 -10.98 22.92
CA ALA B 212 17.50 -11.89 22.42
C ALA B 212 17.18 -13.28 22.93
N THR B 213 17.43 -14.29 22.10
CA THR B 213 17.12 -15.68 22.42
C THR B 213 18.39 -16.50 22.54
N VAL B 214 18.55 -17.22 23.64
CA VAL B 214 19.63 -18.19 23.80
C VAL B 214 19.04 -19.45 24.42
N GLY B 215 19.21 -20.59 23.76
CA GLY B 215 18.58 -21.81 24.23
C GLY B 215 17.08 -21.60 24.31
N ASN B 216 16.50 -21.96 25.45
CA ASN B 216 15.07 -21.78 25.71
C ASN B 216 14.79 -20.55 26.57
N ARG B 217 15.67 -19.56 26.55
CA ARG B 217 15.49 -18.34 27.33
C ARG B 217 15.30 -17.17 26.39
N GLY B 218 14.14 -16.54 26.46
CA GLY B 218 13.93 -15.32 25.70
C GLY B 218 14.20 -14.11 26.55
N PHE B 219 15.36 -13.46 26.35
CA PHE B 219 15.74 -12.32 27.17
C PHE B 219 15.11 -11.04 26.64
N VAL B 220 14.79 -10.13 27.56
CA VAL B 220 14.35 -8.79 27.17
C VAL B 220 15.01 -7.79 28.12
N PHE B 221 15.58 -6.73 27.54
CA PHE B 221 16.27 -5.70 28.31
C PHE B 221 15.76 -4.31 27.96
N GLY B 222 15.52 -3.50 28.99
CA GLY B 222 15.25 -2.09 28.76
C GLY B 222 13.92 -1.80 28.07
N GLY B 223 13.86 -0.62 27.47
CA GLY B 223 12.69 -0.15 26.75
C GLY B 223 12.03 1.04 27.42
N ARG B 224 11.01 1.56 26.75
CA ARG B 224 10.31 2.77 27.17
C ARG B 224 9.01 2.37 27.84
N TYR B 225 8.73 2.94 29.01
CA TYR B 225 7.43 2.76 29.66
C TYR B 225 7.12 4.02 30.46
N ARG B 226 6.01 4.67 30.14
CA ARG B 226 5.61 5.91 30.81
C ARG B 226 6.72 6.95 30.73
N ASP B 227 7.22 7.45 31.87
CA ASP B 227 8.26 8.49 31.86
C ASP B 227 9.67 7.95 32.01
N ALA B 228 9.90 6.67 31.76
CA ALA B 228 11.22 6.10 31.95
C ALA B 228 11.65 5.28 30.76
N ARG B 229 12.96 5.29 30.52
CA ARG B 229 13.64 4.29 29.70
C ARG B 229 14.46 3.44 30.66
N MET B 230 14.19 2.13 30.68
CA MET B 230 14.51 1.27 31.81
C MET B 230 15.78 0.44 31.58
N ASN B 231 16.30 -0.11 32.69
CA ASN B 231 17.49 -0.94 32.65
C ASN B 231 17.24 -2.33 33.23
N ASP B 232 16.00 -2.75 33.32
CA ASP B 232 15.72 -4.04 33.92
C ASP B 232 15.91 -5.15 32.89
N LEU B 233 16.20 -6.34 33.39
CA LEU B 233 16.51 -7.47 32.54
C LEU B 233 15.64 -8.64 32.98
N HIS B 234 14.95 -9.26 32.03
CA HIS B 234 14.12 -10.42 32.30
C HIS B 234 14.36 -11.48 31.25
N TYR B 235 13.94 -12.71 31.54
CA TYR B 235 13.78 -13.69 30.48
C TYR B 235 12.53 -14.52 30.72
N LEU B 236 11.93 -14.93 29.61
CA LEU B 236 10.82 -15.88 29.61
C LEU B 236 11.37 -17.24 29.22
N ASN B 237 11.04 -18.26 30.03
CA ASN B 237 11.39 -19.63 29.67
C ASN B 237 10.46 -20.10 28.57
N LEU B 238 11.01 -20.42 27.41
CA LEU B 238 10.16 -20.67 26.26
C LEU B 238 9.65 -22.10 26.21
N ASP B 239 10.03 -22.94 27.18
CA ASP B 239 9.44 -24.27 27.44
C ASP B 239 8.30 -24.21 28.45
N THR B 240 8.55 -23.57 29.60
CA THR B 240 7.64 -23.60 30.73
C THR B 240 6.74 -22.38 30.81
N TRP B 241 7.08 -21.30 30.09
CA TRP B 241 6.33 -20.04 30.06
C TRP B 241 6.34 -19.35 31.43
N GLU B 242 7.44 -19.50 32.16
CA GLU B 242 7.67 -18.80 33.42
C GLU B 242 8.57 -17.58 33.20
N TRP B 243 8.10 -16.42 33.66
CA TRP B 243 8.92 -15.20 33.65
C TRP B 243 9.88 -15.18 34.83
N ASN B 244 11.08 -14.64 34.60
CA ASN B 244 12.07 -14.44 35.64
C ASN B 244 12.74 -13.08 35.47
N GLU B 245 12.92 -12.37 36.58
CA GLU B 245 13.70 -11.14 36.58
C GLU B 245 15.13 -11.44 37.01
N LEU B 246 16.09 -10.90 36.27
CA LEU B 246 17.50 -11.01 36.64
C LEU B 246 17.95 -9.73 37.32
N ILE B 247 18.69 -9.90 38.41
CA ILE B 247 19.21 -8.80 39.22
C ILE B 247 20.73 -8.96 39.26
N PRO B 248 21.45 -8.56 38.21
CA PRO B 248 22.90 -8.72 38.22
C PRO B 248 23.56 -7.90 39.32
N GLN B 249 24.62 -8.45 39.89
CA GLN B 249 25.37 -7.74 40.90
C GLN B 249 26.35 -6.79 40.25
N GLY B 250 26.58 -5.66 40.90
CA GLY B 250 27.53 -4.69 40.41
C GLY B 250 26.91 -3.76 39.37
N ILE B 251 27.80 -3.12 38.62
CA ILE B 251 27.41 -2.05 37.72
C ILE B 251 26.57 -2.61 36.58
N CYS B 252 25.50 -1.88 36.23
CA CYS B 252 24.60 -2.21 35.14
C CYS B 252 24.57 -1.09 34.12
N PRO B 253 24.26 -1.38 32.84
CA PRO B 253 24.14 -0.29 31.85
C PRO B 253 23.01 0.65 32.20
N VAL B 254 23.16 1.91 31.77
CA VAL B 254 22.14 2.90 32.07
C VAL B 254 20.87 2.54 31.32
N GLY B 255 19.72 2.87 31.92
CA GLY B 255 18.46 2.51 31.30
C GLY B 255 18.30 3.18 29.95
N ARG B 256 17.60 2.51 29.03
CA ARG B 256 17.60 2.96 27.64
C ARG B 256 16.48 2.29 26.85
N SER B 257 16.11 2.93 25.73
CA SER B 257 15.33 2.32 24.67
C SER B 257 16.08 2.44 23.35
N TRP B 258 15.55 1.77 22.32
CA TRP B 258 16.09 1.88 20.95
C TRP B 258 17.55 1.38 20.86
N HIS B 259 17.95 0.53 21.79
CA HIS B 259 19.24 -0.13 21.78
C HIS B 259 19.13 -1.45 21.03
N SER B 260 20.27 -2.10 20.83
CA SER B 260 20.27 -3.44 20.24
C SER B 260 20.83 -4.43 21.24
N LEU B 261 20.29 -5.65 21.24
CA LEU B 261 20.75 -6.74 22.12
C LEU B 261 20.85 -8.01 21.30
N THR B 262 22.06 -8.57 21.19
CA THR B 262 22.32 -9.61 20.20
C THR B 262 23.09 -10.76 20.85
N PRO B 263 22.62 -12.02 20.72
CA PRO B 263 23.43 -13.13 21.24
C PRO B 263 24.64 -13.34 20.36
N VAL B 264 25.78 -13.63 20.99
CA VAL B 264 27.02 -13.82 20.25
C VAL B 264 27.66 -15.14 20.65
N SER B 265 27.07 -15.82 21.64
CA SER B 265 27.50 -17.17 22.02
C SER B 265 26.40 -17.77 22.88
N SER B 266 26.60 -19.03 23.29
CA SER B 266 25.64 -19.65 24.19
C SER B 266 25.63 -18.98 25.54
N ASP B 267 26.55 -18.06 25.81
CA ASP B 267 26.68 -17.50 27.14
C ASP B 267 26.81 -15.97 27.17
N HIS B 268 26.65 -15.27 26.03
CA HIS B 268 26.86 -13.83 26.04
C HIS B 268 25.88 -13.11 25.12
N LEU B 269 25.35 -12.00 25.61
CA LEU B 269 24.55 -11.09 24.80
C LEU B 269 25.32 -9.79 24.63
N PHE B 270 25.19 -9.16 23.46
CA PHE B 270 25.92 -7.94 23.16
C PHE B 270 24.95 -6.78 23.07
N LEU B 271 25.19 -5.74 23.87
CA LEU B 271 24.32 -4.58 23.98
C LEU B 271 25.04 -3.38 23.37
N PHE B 272 24.34 -2.61 22.53
CA PHE B 272 24.94 -1.40 21.99
C PHE B 272 23.93 -0.29 21.79
N GLY B 273 24.34 0.92 22.18
CA GLY B 273 23.65 2.13 21.80
C GLY B 273 22.34 2.37 22.53
N GLY B 274 21.50 3.19 21.91
CA GLY B 274 20.20 3.49 22.46
C GLY B 274 20.08 4.93 22.96
N PHE B 275 19.12 5.13 23.84
CA PHE B 275 18.61 6.46 24.16
C PHE B 275 18.18 6.46 25.63
N THR B 276 18.69 7.40 26.41
CA THR B 276 18.43 7.41 27.84
C THR B 276 17.13 8.14 28.16
N THR B 277 16.72 8.02 29.43
CA THR B 277 15.52 8.70 29.91
C THR B 277 15.59 10.20 29.67
N ASP B 278 16.76 10.80 29.90
CA ASP B 278 17.00 12.22 29.71
CA ASP B 278 16.94 12.24 29.69
C ASP B 278 17.43 12.55 28.28
N LYS B 279 17.13 11.67 27.31
CA LYS B 279 17.31 11.93 25.89
C LYS B 279 18.77 12.05 25.47
N GLN B 280 19.66 11.26 26.10
CA GLN B 280 21.03 11.19 25.62
C GLN B 280 21.21 10.00 24.69
N PRO B 281 21.66 10.22 23.46
CA PRO B 281 22.04 9.09 22.60
C PRO B 281 23.28 8.40 23.14
N LEU B 282 23.34 7.08 22.96
CA LEU B 282 24.35 6.25 23.62
C LEU B 282 25.31 5.62 22.61
N SER B 283 26.59 5.54 23.01
CA SER B 283 27.59 4.82 22.25
C SER B 283 28.33 3.79 23.08
N ASP B 284 27.85 3.47 24.28
CA ASP B 284 28.48 2.44 25.08
C ASP B 284 28.06 1.05 24.60
N ALA B 285 28.96 0.09 24.77
CA ALA B 285 28.70 -1.29 24.38
C ALA B 285 29.02 -2.19 25.57
N TRP B 286 28.24 -3.25 25.73
CA TRP B 286 28.46 -4.16 26.85
C TRP B 286 28.24 -5.59 26.40
N THR B 287 28.76 -6.52 27.20
CA THR B 287 28.31 -7.90 27.12
C THR B 287 27.66 -8.30 28.42
N TYR B 288 26.58 -9.05 28.32
CA TYR B 288 25.97 -9.70 29.47
C TYR B 288 26.40 -11.15 29.45
N CYS B 289 27.04 -11.57 30.53
CA CYS B 289 27.47 -12.94 30.70
C CYS B 289 26.37 -13.70 31.43
N ILE B 290 25.72 -14.61 30.71
CA ILE B 290 24.52 -15.29 31.22
C ILE B 290 24.88 -16.16 32.43
N SER B 291 25.97 -16.93 32.31
CA SER B 291 26.35 -17.85 33.39
C SER B 291 26.80 -17.09 34.63
N LYS B 292 27.37 -15.90 34.46
CA LYS B 292 27.83 -15.10 35.60
C LYS B 292 26.78 -14.10 36.07
N ASN B 293 25.74 -13.85 35.29
CA ASN B 293 24.75 -12.82 35.62
C ASN B 293 25.45 -11.49 35.91
N GLU B 294 26.33 -11.11 34.98
CA GLU B 294 27.19 -9.96 35.14
C GLU B 294 27.31 -9.22 33.82
N TRP B 295 27.25 -7.90 33.88
CA TRP B 295 27.52 -7.05 32.73
C TRP B 295 28.99 -6.65 32.69
N ILE B 296 29.56 -6.65 31.48
CA ILE B 296 30.97 -6.36 31.24
C ILE B 296 31.03 -5.27 30.17
N GLN B 297 31.57 -4.09 30.51
CA GLN B 297 31.60 -3.03 29.51
C GLN B 297 32.64 -3.31 28.44
N PHE B 298 32.26 -3.08 27.19
CA PHE B 298 33.03 -3.47 26.01
C PHE B 298 33.68 -2.23 25.42
N ASN B 299 35.01 -2.22 25.39
CA ASN B 299 35.74 -1.12 24.78
C ASN B 299 35.80 -1.31 23.27
N HIS B 300 35.61 -0.22 22.54
CA HIS B 300 35.47 -0.27 21.10
C HIS B 300 35.85 1.09 20.53
N PRO B 301 36.14 1.17 19.23
CA PRO B 301 36.55 2.44 18.63
C PRO B 301 35.40 3.34 18.18
N TYR B 302 34.15 3.05 18.54
CA TYR B 302 33.01 3.80 18.02
C TYR B 302 32.37 4.73 19.06
N THR B 303 33.18 5.25 19.98
CA THR B 303 32.65 6.06 21.07
C THR B 303 31.98 7.34 20.57
N GLU B 304 32.43 7.88 19.44
CA GLU B 304 31.84 9.10 18.90
C GLU B 304 30.77 8.81 17.86
N LYS B 305 30.28 7.57 17.82
CA LYS B 305 29.22 7.17 16.89
C LYS B 305 28.06 6.56 17.66
N PRO B 306 27.38 7.36 18.51
CA PRO B 306 26.18 6.85 19.16
C PRO B 306 25.12 6.54 18.11
N ARG B 307 24.28 5.56 18.43
CA ARG B 307 23.20 5.18 17.52
C ARG B 307 21.98 4.80 18.32
N LEU B 308 20.81 5.14 17.80
CA LEU B 308 19.54 4.68 18.34
C LEU B 308 18.63 4.29 17.19
N TRP B 309 17.84 3.24 17.40
CA TRP B 309 16.96 2.65 16.38
C TRP B 309 17.77 2.10 15.20
N HIS B 310 19.03 1.77 15.46
CA HIS B 310 19.84 0.99 14.56
C HIS B 310 19.40 -0.48 14.61
N THR B 311 20.04 -1.31 13.79
CA THR B 311 19.92 -2.75 13.90
C THR B 311 21.29 -3.35 14.12
N ALA B 312 21.30 -4.56 14.68
CA ALA B 312 22.52 -5.32 14.87
C ALA B 312 22.29 -6.78 14.49
N CYS B 313 23.25 -7.36 13.78
CA CYS B 313 23.24 -8.78 13.46
C CYS B 313 24.59 -9.39 13.79
N ALA B 314 24.57 -10.59 14.36
CA ALA B 314 25.80 -11.33 14.61
C ALA B 314 26.21 -12.11 13.36
N SER B 315 27.51 -12.17 13.11
CA SER B 315 28.04 -12.97 12.02
C SER B 315 28.59 -14.28 12.56
N ASP B 316 28.82 -15.23 11.64
CA ASP B 316 29.44 -16.49 12.02
C ASP B 316 30.91 -16.35 12.35
N GLU B 317 31.51 -15.18 12.13
CA GLU B 317 32.93 -14.94 12.39
C GLU B 317 33.15 -14.03 13.60
N GLY B 318 32.27 -14.15 14.60
CA GLY B 318 32.46 -13.44 15.86
C GLY B 318 32.37 -11.94 15.77
N GLU B 319 31.60 -11.41 14.82
CA GLU B 319 31.41 -9.97 14.70
C GLU B 319 29.94 -9.63 14.94
N VAL B 320 29.69 -8.40 15.39
CA VAL B 320 28.35 -7.83 15.41
C VAL B 320 28.34 -6.68 14.42
N ILE B 321 27.42 -6.74 13.47
CA ILE B 321 27.31 -5.74 12.42
C ILE B 321 26.15 -4.83 12.76
N VAL B 322 26.45 -3.55 13.00
CA VAL B 322 25.43 -2.54 13.30
C VAL B 322 25.23 -1.69 12.06
N PHE B 323 23.96 -1.47 11.69
CA PHE B 323 23.66 -0.65 10.52
C PHE B 323 22.55 0.35 10.80
N GLY B 324 22.73 1.58 10.30
CA GLY B 324 21.65 2.53 10.35
C GLY B 324 21.47 3.13 11.73
N GLY B 325 20.25 3.62 11.97
CA GLY B 325 19.96 4.31 13.22
C GLY B 325 20.35 5.77 13.15
N CYS B 326 20.09 6.46 14.25
CA CYS B 326 20.22 7.91 14.29
C CYS B 326 21.29 8.29 15.32
N ALA B 327 22.09 9.28 14.99
CA ALA B 327 23.18 9.67 15.86
C ALA B 327 22.78 10.68 16.94
N ASN B 328 21.64 11.35 16.79
CA ASN B 328 21.18 12.32 17.76
C ASN B 328 19.72 12.02 18.12
N ASN B 329 19.09 12.96 18.80
CA ASN B 329 17.70 12.80 19.21
C ASN B 329 16.83 12.83 17.98
N LEU B 330 16.36 11.67 17.53
CA LEU B 330 15.57 11.64 16.32
C LEU B 330 14.20 12.28 16.48
N LEU B 331 13.77 12.56 17.72
CA LEU B 331 12.48 13.21 17.91
C LEU B 331 12.47 14.66 17.41
N VAL B 332 13.64 15.28 17.26
CA VAL B 332 13.73 16.59 16.57
C VAL B 332 13.97 16.25 15.11
N HIS B 333 12.87 15.99 14.40
CA HIS B 333 12.97 15.34 13.09
C HIS B 333 13.76 16.18 12.10
N HIS B 334 13.55 17.50 12.09
CA HIS B 334 14.25 18.32 11.11
C HIS B 334 15.74 18.46 11.37
N ARG B 335 16.22 18.04 12.54
CA ARG B 335 17.66 18.02 12.83
C ARG B 335 18.22 16.61 12.90
N ALA B 336 17.39 15.58 12.67
CA ALA B 336 17.83 14.21 12.92
C ALA B 336 18.97 13.82 11.99
N ALA B 337 19.92 13.08 12.52
CA ALA B 337 21.10 12.62 11.79
C ALA B 337 21.04 11.11 11.61
N HIS B 338 20.28 10.69 10.60
CA HIS B 338 20.19 9.27 10.30
C HIS B 338 21.41 8.81 9.53
N SER B 339 21.78 7.56 9.73
CA SER B 339 23.05 7.03 9.28
C SER B 339 22.86 5.87 8.28
N ASN B 340 23.84 5.72 7.37
CA ASN B 340 23.96 4.51 6.58
C ASN B 340 25.28 3.80 6.87
N GLU B 341 25.92 4.13 7.98
CA GLU B 341 27.20 3.51 8.30
C GLU B 341 27.00 2.08 8.79
N ILE B 342 27.94 1.22 8.42
CA ILE B 342 28.11 -0.09 9.02
C ILE B 342 29.16 0.05 10.11
N LEU B 343 28.82 -0.40 11.33
CA LEU B 343 29.76 -0.43 12.44
C LEU B 343 30.03 -1.87 12.82
N ILE B 344 31.31 -2.25 12.90
CA ILE B 344 31.70 -3.65 13.07
C ILE B 344 32.38 -3.85 14.41
N PHE B 345 31.76 -4.63 15.29
CA PHE B 345 32.30 -4.95 16.60
C PHE B 345 32.85 -6.36 16.58
N SER B 346 34.10 -6.53 17.02
CA SER B 346 34.71 -7.86 17.13
C SER B 346 34.58 -8.32 18.57
N VAL B 347 33.67 -9.25 18.83
CA VAL B 347 33.30 -9.64 20.18
C VAL B 347 33.91 -10.98 20.58
N GLN B 348 34.00 -11.92 19.65
CA GLN B 348 34.60 -13.21 19.96
C GLN B 348 35.51 -13.68 18.83
#